data_6XU4
#
_entry.id   6XU4
#
_cell.length_a   163.561
_cell.length_b   163.561
_cell.length_c   143.060
_cell.angle_alpha   90.000
_cell.angle_beta   90.000
_cell.angle_gamma   90.000
#
_symmetry.space_group_name_H-M   'P 43 21 2'
#
loop_
_entity.id
_entity.type
_entity.pdbx_description
1 polymer FGCamp
2 non-polymer 'CALCIUM ION'
3 water water
#
_entity_poly.entity_id   1
_entity_poly.type   'polypeptide(L)'
_entity_poly.pdbx_seq_one_letter_code
;RRTLHKAIDTVRAINKLREGLGNVYIKADKQKNGIKANFKIRHNIEDGGVQLAYHYQQNTPIGDGPVLLPDNHYLSVQSK
LSKDPNEKRDHMVLLEFVTAAGITLGMDELYKGGTGGSMVSKGEELFTGVVPILVELDGDVNGHKFSVSGEGEGDATYGK
LTLKFICTTGKLPVPWPTLVTTL(CRO)VQCFSRYPDHMKQHDFFKSAMPEGYIQERTIFFKDDGYYKTRAEVKFEGDTL
VNRIELKGIDFKEDGNILGHKLEYDVTLMADSLTEEQVSEYKEAFSLFDKDGDGQITTKELGTVMRSLDQNPSESELQDM
INEVDADNNGTIDFPEFLTMMARKMKDTDSEEEIREACKVFDRDNNGFISAAELRHVMTSIGEKLTDDEVDEMIREADQD
GDGRIDYNEFVQLMMQK
;
_entity_poly.pdbx_strand_id   A,B,E
#
loop_
_chem_comp.id
_chem_comp.type
_chem_comp.name
_chem_comp.formula
CA non-polymer 'CALCIUM ION' 'Ca 2'
#
# COMPACT_ATOMS: atom_id res chain seq x y z
N ARG A 1 13.05 9.85 32.41
CA ARG A 1 12.16 9.49 33.57
C ARG A 1 10.69 9.85 33.26
N ARG A 2 10.36 11.15 33.19
CA ARG A 2 8.97 11.67 33.34
C ARG A 2 8.37 12.22 32.04
N THR A 3 7.08 11.89 31.87
CA THR A 3 6.14 12.37 30.81
C THR A 3 5.06 13.24 31.50
N LEU A 4 5.40 14.53 31.65
CA LEU A 4 4.48 15.69 31.72
C LEU A 4 3.88 15.82 30.32
N HIS A 5 4.58 15.23 29.35
CA HIS A 5 4.19 15.16 27.91
C HIS A 5 2.68 14.95 27.78
N LYS A 6 2.09 13.97 28.47
CA LYS A 6 0.63 13.73 28.38
C LYS A 6 -0.11 15.03 28.75
N ALA A 7 0.22 15.69 29.87
CA ALA A 7 -0.40 16.97 30.29
C ALA A 7 -0.24 17.99 29.16
N ILE A 8 0.97 18.21 28.66
CA ILE A 8 1.25 19.19 27.57
C ILE A 8 0.55 18.74 26.29
N ASP A 9 0.66 17.44 25.95
CA ASP A 9 0.04 16.83 24.75
C ASP A 9 -1.49 17.01 24.85
N THR A 10 -2.05 17.02 26.06
CA THR A 10 -3.50 17.21 26.31
C THR A 10 -3.86 18.65 25.96
N VAL A 11 -3.18 19.61 26.58
CA VAL A 11 -3.33 21.06 26.32
C VAL A 11 -3.11 21.28 24.81
N ARG A 12 -2.06 20.66 24.25
CA ARG A 12 -1.66 20.84 22.84
C ARG A 12 -2.86 20.47 21.95
N ALA A 13 -3.45 19.29 22.20
CA ALA A 13 -4.60 18.76 21.44
C ALA A 13 -5.76 19.76 21.44
N ILE A 14 -5.90 20.55 22.50
CA ILE A 14 -7.01 21.55 22.64
C ILE A 14 -6.67 22.80 21.81
N ASN A 15 -5.43 23.29 21.88
CA ASN A 15 -5.02 24.50 21.11
C ASN A 15 -5.17 24.22 19.59
N LYS A 16 -4.90 23.00 19.13
CA LYS A 16 -4.90 22.63 17.67
C LYS A 16 -6.33 22.56 17.14
N LEU A 17 -7.27 21.98 17.90
CA LEU A 17 -8.70 21.93 17.50
C LEU A 17 -9.24 23.37 17.46
N ARG A 18 -8.96 24.16 18.48
CA ARG A 18 -9.35 25.59 18.60
C ARG A 18 -8.71 26.40 17.46
N GLU A 19 -7.39 26.62 17.47
CA GLU A 19 -6.65 27.31 16.37
C GLU A 19 -7.17 26.82 15.00
N GLY A 20 -7.50 25.52 14.85
CA GLY A 20 -8.13 24.99 13.63
C GLY A 20 -7.14 24.55 12.56
N LEU A 21 -7.47 23.49 11.79
CA LEU A 21 -6.52 22.59 11.09
C LEU A 21 -6.35 22.95 9.60
N GLY A 22 -6.92 24.06 9.10
CA GLY A 22 -7.06 24.37 7.66
C GLY A 22 -5.81 25.01 7.06
N ASN A 23 -5.37 24.53 5.89
CA ASN A 23 -4.00 24.71 5.32
C ASN A 23 -3.98 25.44 3.95
N VAL A 24 -5.14 25.75 3.34
CA VAL A 24 -5.30 26.36 1.98
C VAL A 24 -6.14 27.64 2.07
N TYR A 25 -5.51 28.82 2.04
CA TYR A 25 -6.18 30.13 2.28
C TYR A 25 -6.81 30.66 0.98
N ILE A 26 -8.12 30.94 1.00
CA ILE A 26 -8.91 31.42 -0.18
C ILE A 26 -9.31 32.88 0.02
N LYS A 27 -8.77 33.76 -0.83
CA LYS A 27 -9.12 35.21 -0.94
C LYS A 27 -9.89 35.35 -2.26
N ALA A 28 -10.80 36.32 -2.35
CA ALA A 28 -11.63 36.56 -3.57
C ALA A 28 -10.88 37.50 -4.52
N ASP A 29 -11.11 37.33 -5.83
CA ASP A 29 -10.45 38.07 -6.94
C ASP A 29 -11.57 38.79 -7.71
N LYS A 30 -12.14 39.84 -7.11
CA LYS A 30 -13.29 40.60 -7.67
C LYS A 30 -13.05 40.80 -9.17
N GLN A 31 -11.90 41.38 -9.51
CA GLN A 31 -11.48 41.74 -10.89
C GLN A 31 -11.76 40.59 -11.86
N LYS A 32 -11.20 39.40 -11.63
CA LYS A 32 -11.34 38.23 -12.55
C LYS A 32 -12.64 37.45 -12.26
N ASN A 33 -13.48 37.97 -11.36
CA ASN A 33 -14.86 37.48 -11.10
C ASN A 33 -14.80 36.05 -10.56
N GLY A 34 -13.81 35.76 -9.70
CA GLY A 34 -13.58 34.45 -9.07
C GLY A 34 -12.75 34.55 -7.82
N ILE A 35 -11.73 33.70 -7.68
CA ILE A 35 -11.00 33.41 -6.40
C ILE A 35 -9.49 33.40 -6.69
N LYS A 36 -8.70 33.64 -5.66
CA LYS A 36 -7.21 33.53 -5.64
C LYS A 36 -6.86 32.63 -4.43
N ALA A 37 -5.72 31.93 -4.44
CA ALA A 37 -5.28 31.10 -3.29
C ALA A 37 -3.79 30.81 -3.34
N ASN A 38 -3.13 30.89 -2.18
CA ASN A 38 -1.68 30.62 -1.94
C ASN A 38 -1.59 29.58 -0.83
N PHE A 39 -0.71 28.57 -0.95
CA PHE A 39 -0.42 27.58 0.13
C PHE A 39 0.87 26.79 -0.14
N LYS A 40 1.50 26.31 0.92
CA LYS A 40 2.70 25.44 0.87
C LYS A 40 2.29 23.97 1.00
N ILE A 41 3.08 23.08 0.42
CA ILE A 41 3.01 21.61 0.63
C ILE A 41 4.44 21.15 0.93
N ARG A 42 4.64 20.38 2.00
CA ARG A 42 5.99 19.93 2.43
C ARG A 42 6.05 18.43 2.19
N HIS A 43 6.58 18.05 1.02
CA HIS A 43 6.82 16.64 0.60
C HIS A 43 8.06 16.11 1.33
N ASN A 44 7.94 15.01 2.09
CA ASN A 44 9.08 14.37 2.80
C ASN A 44 9.99 13.72 1.76
N ILE A 45 11.30 13.88 1.93
CA ILE A 45 12.37 13.32 1.06
C ILE A 45 12.90 12.10 1.78
N GLU A 46 13.12 10.98 1.08
CA GLU A 46 13.93 9.86 1.60
C GLU A 46 15.31 10.42 1.99
N ASP A 47 16.00 9.84 2.97
CA ASP A 47 17.30 10.38 3.48
C ASP A 47 17.12 11.86 3.84
N GLY A 48 16.21 12.12 4.80
CA GLY A 48 16.06 13.40 5.53
C GLY A 48 15.41 14.49 4.71
N GLY A 49 14.61 15.36 5.34
CA GLY A 49 14.22 16.68 4.79
C GLY A 49 12.87 16.72 4.09
N VAL A 50 12.45 17.94 3.72
CA VAL A 50 11.16 18.19 3.01
C VAL A 50 11.39 19.03 1.74
N GLN A 51 10.79 18.61 0.63
CA GLN A 51 10.82 19.32 -0.66
C GLN A 51 9.59 20.23 -0.69
N LEU A 52 9.79 21.52 -0.41
CA LEU A 52 8.75 22.57 -0.41
C LEU A 52 8.16 22.71 -1.82
N ALA A 53 6.85 22.92 -1.88
CA ALA A 53 6.06 23.20 -3.11
C ALA A 53 5.16 24.40 -2.86
N TYR A 54 5.55 25.57 -3.35
CA TYR A 54 4.81 26.85 -3.18
C TYR A 54 3.73 26.89 -4.24
N HIS A 55 2.47 26.98 -3.80
CA HIS A 55 1.26 26.94 -4.65
C HIS A 55 0.73 28.36 -4.81
N TYR A 56 0.41 28.74 -6.05
CA TYR A 56 -0.28 30.01 -6.44
C TYR A 56 -1.45 29.61 -7.32
N GLN A 57 -2.63 30.13 -7.04
CA GLN A 57 -3.89 29.63 -7.63
C GLN A 57 -4.80 30.81 -7.97
N GLN A 58 -5.37 30.80 -9.17
CA GLN A 58 -6.54 31.64 -9.52
C GLN A 58 -7.53 30.77 -10.27
N ASN A 59 -8.79 30.78 -9.82
CA ASN A 59 -9.93 30.19 -10.55
C ASN A 59 -10.84 31.33 -11.00
N THR A 60 -11.29 31.29 -12.25
CA THR A 60 -12.27 32.26 -12.85
C THR A 60 -13.39 31.48 -13.51
N PRO A 61 -14.64 31.99 -13.49
CA PRO A 61 -15.80 31.26 -14.01
C PRO A 61 -15.76 31.11 -15.53
N ILE A 62 -16.22 29.97 -16.05
CA ILE A 62 -16.37 29.72 -17.52
C ILE A 62 -17.69 30.36 -17.97
N GLY A 63 -18.75 30.14 -17.20
CA GLY A 63 -20.14 30.53 -17.50
C GLY A 63 -20.35 32.03 -17.41
N ASP A 64 -21.35 32.53 -18.16
CA ASP A 64 -21.76 33.96 -18.17
C ASP A 64 -22.55 34.27 -16.89
N GLY A 65 -23.08 33.24 -16.21
CA GLY A 65 -24.10 33.36 -15.16
C GLY A 65 -23.56 34.02 -13.89
N PRO A 66 -24.37 34.14 -12.82
CA PRO A 66 -23.92 34.68 -11.54
C PRO A 66 -23.14 33.63 -10.72
N VAL A 67 -22.37 34.11 -9.75
CA VAL A 67 -21.24 33.35 -9.14
C VAL A 67 -20.93 33.98 -7.78
N LEU A 68 -20.66 33.15 -6.78
CA LEU A 68 -20.56 33.59 -5.36
C LEU A 68 -19.12 34.03 -5.09
N LEU A 69 -18.93 35.19 -4.46
CA LEU A 69 -17.60 35.85 -4.28
C LEU A 69 -17.22 35.94 -2.80
N PRO A 70 -16.41 35.00 -2.29
CA PRO A 70 -16.30 34.75 -0.85
C PRO A 70 -15.48 35.73 -0.02
N ASP A 71 -15.77 35.80 1.28
CA ASP A 71 -14.89 36.43 2.30
C ASP A 71 -13.70 35.48 2.50
N ASN A 72 -12.57 36.00 2.94
CA ASN A 72 -11.37 35.15 3.21
C ASN A 72 -11.80 34.00 4.11
N HIS A 73 -11.54 32.74 3.70
CA HIS A 73 -11.70 31.53 4.55
C HIS A 73 -10.63 30.48 4.21
N TYR A 74 -10.66 29.36 4.94
CA TYR A 74 -9.71 28.23 4.78
C TYR A 74 -10.46 27.00 4.26
N LEU A 75 -9.75 26.21 3.45
CA LEU A 75 -10.09 24.79 3.23
C LEU A 75 -9.06 23.98 4.02
N SER A 76 -9.51 22.90 4.65
CA SER A 76 -8.67 21.83 5.22
C SER A 76 -8.83 20.60 4.35
N VAL A 77 -7.74 20.05 3.84
CA VAL A 77 -7.74 18.68 3.25
C VAL A 77 -6.85 17.77 4.11
N GLN A 78 -7.35 16.56 4.32
CA GLN A 78 -6.58 15.36 4.71
C GLN A 78 -6.64 14.41 3.53
N SER A 79 -5.48 13.91 3.14
CA SER A 79 -5.32 12.97 2.01
C SER A 79 -4.89 11.61 2.57
N LYS A 80 -5.19 10.54 1.85
CA LYS A 80 -4.73 9.17 2.18
C LYS A 80 -4.38 8.50 0.84
N LEU A 81 -3.08 8.44 0.52
CA LEU A 81 -2.51 7.82 -0.70
C LEU A 81 -2.27 6.34 -0.47
N SER A 82 -2.54 5.50 -1.47
CA SER A 82 -2.58 4.02 -1.37
C SER A 82 -2.15 3.47 -2.73
N LYS A 83 -1.79 2.18 -2.77
CA LYS A 83 -1.71 1.39 -4.03
C LYS A 83 -2.84 0.36 -3.99
N ASP A 84 -3.42 0.07 -5.16
CA ASP A 84 -4.37 -1.03 -5.42
C ASP A 84 -3.56 -2.31 -5.67
N PRO A 85 -3.63 -3.32 -4.77
CA PRO A 85 -2.69 -4.43 -4.80
C PRO A 85 -2.72 -5.19 -6.15
N ASN A 86 -3.92 -5.25 -6.75
CA ASN A 86 -4.20 -5.93 -8.05
C ASN A 86 -3.55 -5.16 -9.20
N GLU A 87 -3.66 -3.83 -9.18
CA GLU A 87 -3.20 -2.92 -10.26
C GLU A 87 -1.68 -3.00 -10.43
N LYS A 88 -1.22 -3.16 -11.67
CA LYS A 88 0.20 -3.37 -12.06
C LYS A 88 0.64 -2.23 -12.99
N ARG A 89 -0.22 -1.26 -13.25
CA ARG A 89 0.19 0.00 -13.93
C ARG A 89 0.57 1.02 -12.86
N ASP A 90 1.44 1.94 -13.24
CA ASP A 90 1.74 3.12 -12.39
C ASP A 90 0.37 3.74 -12.09
N HIS A 91 0.02 3.80 -10.81
CA HIS A 91 -1.28 4.34 -10.35
C HIS A 91 -1.13 4.91 -8.94
N MET A 92 -2.14 5.66 -8.52
CA MET A 92 -2.30 6.18 -7.14
C MET A 92 -3.77 6.07 -6.76
N VAL A 93 -4.05 5.61 -5.55
CA VAL A 93 -5.40 5.63 -4.95
C VAL A 93 -5.44 6.77 -3.94
N LEU A 94 -6.30 7.76 -4.19
CA LEU A 94 -6.51 8.96 -3.36
C LEU A 94 -7.84 8.82 -2.62
N LEU A 95 -7.81 9.03 -1.32
CA LEU A 95 -9.02 9.27 -0.49
C LEU A 95 -8.81 10.63 0.13
N GLU A 96 -9.77 11.54 0.00
CA GLU A 96 -9.67 12.91 0.58
C GLU A 96 -10.92 13.24 1.40
N PHE A 97 -10.69 13.93 2.51
CA PHE A 97 -11.71 14.52 3.40
C PHE A 97 -11.44 16.03 3.42
N VAL A 98 -12.36 16.82 2.86
CA VAL A 98 -12.18 18.28 2.64
C VAL A 98 -13.37 19.05 3.23
N THR A 99 -13.09 20.01 4.10
CA THR A 99 -14.08 20.91 4.74
C THR A 99 -13.57 22.35 4.68
N ALA A 100 -14.46 23.34 4.79
CA ALA A 100 -14.10 24.78 4.93
C ALA A 100 -14.42 25.32 6.34
N ALA A 101 -13.68 26.36 6.75
CA ALA A 101 -14.04 27.38 7.75
C ALA A 101 -13.39 28.73 7.37
N LYS A 122 -27.82 27.40 -5.89
CA LYS A 122 -28.39 27.28 -7.27
C LYS A 122 -27.62 26.17 -8.02
N GLY A 123 -26.29 26.25 -7.99
CA GLY A 123 -25.34 25.20 -8.42
C GLY A 123 -25.02 24.25 -7.29
N GLU A 124 -25.15 24.67 -6.02
CA GLU A 124 -25.19 23.83 -4.79
C GLU A 124 -26.03 22.57 -5.08
N GLU A 125 -27.22 22.71 -5.68
CA GLU A 125 -28.23 21.62 -5.84
C GLU A 125 -27.59 20.38 -6.47
N LEU A 126 -26.49 20.54 -7.23
CA LEU A 126 -25.87 19.48 -8.07
C LEU A 126 -24.98 18.57 -7.22
N PHE A 127 -24.58 19.01 -6.03
CA PHE A 127 -23.54 18.34 -5.20
C PHE A 127 -24.15 17.66 -3.98
N THR A 128 -25.41 17.99 -3.65
CA THR A 128 -26.27 17.15 -2.77
C THR A 128 -26.20 15.76 -3.40
N GLY A 129 -25.84 14.76 -2.60
CA GLY A 129 -25.65 13.38 -3.07
C GLY A 129 -24.29 13.16 -3.72
N VAL A 130 -24.17 12.03 -4.42
CA VAL A 130 -22.88 11.37 -4.80
C VAL A 130 -22.66 11.51 -6.31
N VAL A 131 -21.77 12.42 -6.69
CA VAL A 131 -21.50 12.70 -8.12
C VAL A 131 -20.21 11.97 -8.49
N PRO A 132 -20.19 11.33 -9.68
CA PRO A 132 -19.03 10.59 -10.16
C PRO A 132 -18.05 11.56 -10.82
N ILE A 133 -16.76 11.22 -10.83
CA ILE A 133 -15.66 12.16 -11.23
C ILE A 133 -14.78 11.49 -12.30
N LEU A 134 -14.60 12.19 -13.42
CA LEU A 134 -13.56 11.85 -14.43
C LEU A 134 -12.45 12.89 -14.30
N VAL A 135 -11.18 12.47 -14.37
CA VAL A 135 -10.00 13.37 -14.29
C VAL A 135 -9.06 12.96 -15.42
N GLU A 136 -8.45 13.93 -16.12
CA GLU A 136 -7.65 13.72 -17.34
C GLU A 136 -6.58 14.81 -17.45
N LEU A 137 -5.31 14.44 -17.41
CA LEU A 137 -4.19 15.40 -17.30
C LEU A 137 -3.16 15.09 -18.39
N ASP A 138 -2.65 16.13 -19.06
CA ASP A 138 -1.51 16.00 -20.02
C ASP A 138 -0.31 16.78 -19.47
N GLY A 139 0.78 16.09 -19.18
CA GLY A 139 2.01 16.70 -18.66
C GLY A 139 3.10 16.73 -19.70
N ASP A 140 3.91 17.79 -19.68
CA ASP A 140 5.20 17.92 -20.38
C ASP A 140 6.18 18.49 -19.34
N VAL A 141 7.06 17.67 -18.78
CA VAL A 141 8.00 18.10 -17.70
C VAL A 141 9.44 17.91 -18.17
N ASN A 142 10.12 18.99 -18.58
CA ASN A 142 11.42 18.95 -19.31
C ASN A 142 11.26 18.06 -20.54
N GLY A 143 10.13 18.19 -21.25
CA GLY A 143 9.89 17.46 -22.51
C GLY A 143 9.66 15.97 -22.31
N HIS A 144 9.56 15.51 -21.05
CA HIS A 144 9.06 14.16 -20.67
C HIS A 144 7.53 14.18 -20.63
N LYS A 145 6.86 13.91 -21.76
CA LYS A 145 5.36 13.93 -21.84
C LYS A 145 4.76 12.70 -21.13
N PHE A 146 3.51 12.81 -20.68
CA PHE A 146 2.77 11.72 -19.99
C PHE A 146 1.33 12.15 -19.74
N SER A 147 0.45 11.17 -19.54
CA SER A 147 -1.00 11.37 -19.28
C SER A 147 -1.44 10.51 -18.09
N VAL A 148 -2.42 11.01 -17.35
CA VAL A 148 -3.03 10.38 -16.14
C VAL A 148 -4.54 10.49 -16.30
N SER A 149 -5.24 9.39 -16.03
CA SER A 149 -6.71 9.29 -16.05
C SER A 149 -7.22 9.00 -14.63
N GLY A 150 -8.34 9.62 -14.24
CA GLY A 150 -8.93 9.50 -12.90
C GLY A 150 -10.39 9.11 -12.96
N GLU A 151 -10.75 8.04 -12.26
CA GLU A 151 -12.15 7.59 -12.03
C GLU A 151 -12.46 7.71 -10.53
N GLY A 152 -13.70 8.02 -10.17
CA GLY A 152 -14.19 7.92 -8.79
C GLY A 152 -15.43 8.76 -8.53
N GLU A 153 -15.71 9.06 -7.26
CA GLU A 153 -16.90 9.83 -6.89
C GLU A 153 -16.59 10.79 -5.74
N GLY A 154 -17.44 11.78 -5.59
CA GLY A 154 -17.35 12.79 -4.52
C GLY A 154 -18.68 12.93 -3.81
N ASP A 155 -18.66 12.91 -2.48
CA ASP A 155 -19.82 13.27 -1.64
C ASP A 155 -19.50 14.59 -0.94
N ALA A 156 -19.88 15.70 -1.56
CA ALA A 156 -19.64 17.08 -1.05
C ALA A 156 -20.28 17.20 0.34
N THR A 157 -21.43 16.57 0.54
CA THR A 157 -22.25 16.64 1.78
C THR A 157 -21.39 16.29 3.01
N TYR A 158 -20.52 15.27 2.91
CA TYR A 158 -19.64 14.78 4.00
C TYR A 158 -18.17 15.14 3.70
N GLY A 159 -17.92 15.81 2.58
CA GLY A 159 -16.60 16.30 2.16
C GLY A 159 -15.65 15.18 1.75
N LYS A 160 -16.18 14.01 1.34
CA LYS A 160 -15.33 12.82 1.03
C LYS A 160 -15.20 12.66 -0.50
N LEU A 161 -13.97 12.40 -0.96
CA LEU A 161 -13.61 12.00 -2.33
C LEU A 161 -12.96 10.61 -2.31
N THR A 162 -13.31 9.79 -3.30
CA THR A 162 -12.57 8.57 -3.69
C THR A 162 -12.18 8.70 -5.15
N LEU A 163 -10.93 8.40 -5.47
CA LEU A 163 -10.35 8.49 -6.84
C LEU A 163 -9.25 7.44 -6.98
N LYS A 164 -9.15 6.84 -8.17
CA LYS A 164 -7.99 6.03 -8.58
C LYS A 164 -7.43 6.66 -9.86
N PHE A 165 -6.15 7.01 -9.87
CA PHE A 165 -5.44 7.57 -11.04
C PHE A 165 -4.53 6.48 -11.60
N ILE A 166 -4.25 6.52 -12.91
CA ILE A 166 -3.39 5.56 -13.67
C ILE A 166 -2.56 6.39 -14.65
N CYS A 167 -1.23 6.20 -14.72
CA CYS A 167 -0.41 6.85 -15.79
C CYS A 167 -0.53 6.03 -17.08
N THR A 168 -1.40 6.48 -17.97
CA THR A 168 -1.79 5.79 -19.23
C THR A 168 -0.68 5.88 -20.28
N THR A 169 0.50 6.40 -19.92
CA THR A 169 1.64 6.58 -20.84
C THR A 169 2.88 5.89 -20.26
N GLY A 170 2.67 4.88 -19.41
CA GLY A 170 3.76 4.10 -18.80
C GLY A 170 4.09 4.61 -17.42
N LYS A 171 5.39 4.70 -17.10
CA LYS A 171 5.91 5.15 -15.78
C LYS A 171 5.77 6.68 -15.71
N LEU A 172 5.17 7.16 -14.63
CA LEU A 172 5.03 8.62 -14.34
C LEU A 172 6.43 9.22 -14.09
N PRO A 173 6.87 10.23 -14.89
CA PRO A 173 8.17 10.86 -14.70
C PRO A 173 8.30 11.76 -13.48
N VAL A 174 7.21 12.00 -12.73
CA VAL A 174 7.21 12.80 -11.46
C VAL A 174 6.55 11.97 -10.36
N PRO A 175 6.82 12.25 -9.07
CA PRO A 175 6.18 11.53 -7.96
C PRO A 175 4.69 11.89 -7.83
N TRP A 176 3.85 10.87 -7.69
CA TRP A 176 2.37 11.01 -7.55
C TRP A 176 2.01 12.07 -6.53
N PRO A 177 2.68 12.16 -5.36
CA PRO A 177 2.27 13.17 -4.36
C PRO A 177 2.33 14.61 -4.91
N THR A 178 3.25 14.90 -5.84
CA THR A 178 3.38 16.22 -6.50
C THR A 178 2.24 16.46 -7.49
N LEU A 179 1.48 15.45 -7.88
CA LEU A 179 0.33 15.65 -8.79
C LEU A 179 -0.99 15.78 -8.03
N VAL A 180 -1.00 15.48 -6.71
CA VAL A 180 -2.25 15.42 -5.90
C VAL A 180 -3.03 16.74 -6.05
N THR A 181 -2.39 17.90 -5.82
CA THR A 181 -3.10 19.21 -5.79
C THR A 181 -3.66 19.50 -7.18
N THR A 182 -2.91 19.13 -8.21
CA THR A 182 -3.28 19.43 -9.62
C THR A 182 -4.49 18.56 -9.99
N LEU A 183 -4.43 17.24 -9.76
CA LEU A 183 -5.56 16.30 -10.00
C LEU A 183 -6.71 16.65 -9.05
N1 CRO A 184 -6.60 16.83 -7.69
CA1 CRO A 184 -7.69 17.16 -6.78
CB1 CRO A 184 -7.82 16.12 -5.67
CG1 CRO A 184 -8.26 14.78 -6.26
OG1 CRO A 184 -6.57 16.10 -4.95
C1 CRO A 184 -7.44 18.53 -6.22
N2 CRO A 184 -6.83 18.84 -5.02
N3 CRO A 184 -7.76 19.64 -6.93
C2 CRO A 184 -7.37 20.66 -6.21
O2 CRO A 184 -7.51 21.87 -6.59
CA2 CRO A 184 -6.77 20.19 -4.97
CA3 CRO A 184 -8.38 19.73 -8.28
C3 CRO A 184 -9.86 20.08 -8.40
O3 CRO A 184 -10.18 20.65 -9.48
CB2 CRO A 184 -6.18 21.02 -3.87
CG2 CRO A 184 -5.49 20.50 -2.66
CD1 CRO A 184 -5.20 19.15 -2.45
CD2 CRO A 184 -4.93 21.43 -1.79
CE1 CRO A 184 -4.49 18.74 -1.33
CE2 CRO A 184 -4.22 21.01 -0.67
CZ CRO A 184 -4.00 19.66 -0.43
OH CRO A 184 -3.30 19.25 0.67
N VAL A 185 -10.43 19.30 -7.48
CA VAL A 185 -11.90 19.48 -7.58
C VAL A 185 -12.37 19.96 -6.21
N GLN A 186 -12.24 21.27 -5.98
CA GLN A 186 -12.54 21.94 -4.69
C GLN A 186 -14.06 22.16 -4.60
N CYS A 187 -14.82 21.94 -5.67
CA CYS A 187 -16.31 21.98 -5.63
C CYS A 187 -16.87 20.84 -4.77
N PHE A 188 -16.03 19.90 -4.30
CA PHE A 188 -16.44 18.79 -3.40
C PHE A 188 -16.14 19.13 -1.94
N SER A 189 -15.36 20.18 -1.66
CA SER A 189 -15.20 20.72 -0.29
C SER A 189 -16.59 20.83 0.36
N ARG A 190 -16.75 20.27 1.55
CA ARG A 190 -17.97 20.47 2.37
C ARG A 190 -17.92 21.88 2.96
N TYR A 191 -18.75 22.79 2.41
CA TYR A 191 -19.04 24.11 3.00
C TYR A 191 -20.20 23.92 3.96
N PRO A 192 -19.98 24.07 5.29
CA PRO A 192 -21.08 23.98 6.26
C PRO A 192 -22.19 24.98 5.90
N ASP A 193 -23.45 24.59 6.05
CA ASP A 193 -24.65 25.41 5.77
C ASP A 193 -24.42 26.88 6.19
N HIS A 194 -23.81 27.08 7.35
CA HIS A 194 -23.64 28.41 8.00
C HIS A 194 -22.79 29.31 7.09
N MET A 195 -21.99 28.73 6.19
CA MET A 195 -21.01 29.38 5.28
C MET A 195 -21.36 29.16 3.80
N LYS A 196 -22.48 28.51 3.49
CA LYS A 196 -22.87 28.13 2.10
C LYS A 196 -22.75 29.37 1.18
N GLN A 197 -22.75 30.58 1.76
CA GLN A 197 -22.67 31.87 1.02
C GLN A 197 -21.34 31.98 0.27
N HIS A 198 -20.30 31.24 0.67
CA HIS A 198 -18.89 31.45 0.22
C HIS A 198 -18.41 30.35 -0.73
N ASP A 199 -19.25 29.38 -1.05
CA ASP A 199 -18.88 28.20 -1.87
C ASP A 199 -18.88 28.62 -3.36
N PHE A 200 -17.84 29.34 -3.79
CA PHE A 200 -17.65 29.80 -5.20
C PHE A 200 -17.76 28.64 -6.20
N PHE A 201 -17.11 27.52 -5.89
CA PHE A 201 -16.81 26.42 -6.83
C PHE A 201 -18.10 25.75 -7.33
N LYS A 202 -19.07 25.51 -6.46
CA LYS A 202 -20.36 24.89 -6.83
C LYS A 202 -21.17 25.94 -7.59
N SER A 203 -21.16 27.18 -7.08
CA SER A 203 -21.85 28.36 -7.66
C SER A 203 -21.51 28.50 -9.16
N ALA A 204 -20.29 28.14 -9.55
CA ALA A 204 -19.77 28.24 -10.93
C ALA A 204 -20.40 27.21 -11.87
N MET A 205 -20.94 26.12 -11.34
CA MET A 205 -21.34 24.92 -12.14
C MET A 205 -22.77 25.14 -12.63
N PRO A 206 -23.21 24.49 -13.73
CA PRO A 206 -22.46 23.47 -14.44
C PRO A 206 -21.48 24.02 -15.49
N GLU A 207 -21.67 25.29 -15.90
CA GLU A 207 -20.80 25.98 -16.89
C GLU A 207 -19.32 25.65 -16.54
N GLY A 208 -18.99 25.67 -15.24
CA GLY A 208 -17.67 25.29 -14.74
C GLY A 208 -16.83 26.49 -14.33
N TYR A 209 -15.57 26.23 -14.00
CA TYR A 209 -14.56 27.26 -13.67
C TYR A 209 -13.20 26.83 -14.24
N ILE A 210 -12.34 27.81 -14.56
CA ILE A 210 -10.93 27.55 -14.97
C ILE A 210 -10.06 27.71 -13.72
N GLN A 211 -9.27 26.68 -13.41
CA GLN A 211 -8.33 26.68 -12.27
C GLN A 211 -6.92 26.62 -12.82
N GLU A 212 -6.18 27.72 -12.63
CA GLU A 212 -4.80 27.93 -13.10
C GLU A 212 -3.91 27.99 -11.88
N ARG A 213 -2.75 27.34 -11.94
CA ARG A 213 -1.77 27.37 -10.83
C ARG A 213 -0.35 27.45 -11.39
N THR A 214 0.51 28.11 -10.61
CA THR A 214 1.98 27.91 -10.62
C THR A 214 2.35 27.16 -9.33
N ILE A 215 3.04 26.03 -9.46
CA ILE A 215 3.59 25.29 -8.30
C ILE A 215 5.12 25.36 -8.39
N PHE A 216 5.74 26.02 -7.42
CA PHE A 216 7.19 26.29 -7.35
C PHE A 216 7.84 25.30 -6.38
N PHE A 217 8.64 24.36 -6.89
CA PHE A 217 9.38 23.39 -6.06
C PHE A 217 10.73 23.99 -5.68
N LYS A 218 10.95 24.27 -4.38
CA LYS A 218 12.17 25.01 -3.94
C LYS A 218 13.40 24.34 -4.55
N ASP A 219 14.42 25.14 -4.87
CA ASP A 219 15.71 24.71 -5.50
C ASP A 219 15.47 23.63 -6.55
N ASP A 220 14.35 23.72 -7.30
CA ASP A 220 14.07 22.85 -8.46
C ASP A 220 13.05 23.57 -9.35
N GLY A 221 12.52 22.89 -10.38
CA GLY A 221 11.64 23.49 -11.42
C GLY A 221 10.28 23.86 -10.86
N TYR A 222 9.33 24.22 -11.73
CA TYR A 222 7.95 24.62 -11.34
C TYR A 222 6.94 23.98 -12.30
N TYR A 223 5.79 23.55 -11.76
CA TYR A 223 4.63 23.17 -12.61
C TYR A 223 3.85 24.45 -12.95
N LYS A 224 3.28 24.43 -14.15
CA LYS A 224 2.34 25.43 -14.69
C LYS A 224 1.09 24.66 -15.08
N THR A 225 -0.05 24.89 -14.42
CA THR A 225 -1.30 24.15 -14.70
C THR A 225 -2.34 25.15 -15.21
N ARG A 226 -3.05 24.76 -16.26
CA ARG A 226 -4.40 25.27 -16.62
C ARG A 226 -5.33 24.06 -16.65
N ALA A 227 -6.35 24.09 -15.81
CA ALA A 227 -7.38 23.04 -15.71
C ALA A 227 -8.75 23.70 -15.83
N GLU A 228 -9.70 23.00 -16.44
CA GLU A 228 -11.11 23.43 -16.46
C GLU A 228 -11.98 22.32 -15.84
N VAL A 229 -12.87 22.75 -14.96
CA VAL A 229 -13.67 21.91 -14.02
C VAL A 229 -15.13 22.23 -14.28
N LYS A 230 -15.84 21.36 -14.97
CA LYS A 230 -17.25 21.57 -15.38
C LYS A 230 -17.92 20.21 -15.51
N PHE A 231 -19.25 20.21 -15.54
CA PHE A 231 -20.04 18.96 -15.74
C PHE A 231 -20.03 18.61 -17.22
N GLU A 232 -20.00 17.32 -17.51
CA GLU A 232 -20.40 16.73 -18.81
C GLU A 232 -21.46 15.66 -18.50
N GLY A 233 -22.68 16.12 -18.17
CA GLY A 233 -23.83 15.25 -17.85
C GLY A 233 -23.90 15.00 -16.37
N ASP A 234 -23.95 13.72 -15.97
CA ASP A 234 -24.02 13.30 -14.54
C ASP A 234 -22.70 13.65 -13.86
N THR A 235 -21.57 13.65 -14.59
CA THR A 235 -20.21 13.59 -13.98
C THR A 235 -19.55 14.98 -13.96
N LEU A 236 -18.82 15.25 -12.87
CA LEU A 236 -17.95 16.44 -12.65
C LEU A 236 -16.58 16.11 -13.23
N VAL A 237 -16.19 16.78 -14.31
CA VAL A 237 -14.96 16.45 -15.10
C VAL A 237 -13.91 17.52 -14.84
N ASN A 238 -12.66 17.08 -14.62
CA ASN A 238 -11.48 17.93 -14.35
C ASN A 238 -10.43 17.60 -15.40
N ARG A 239 -10.19 18.54 -16.34
CA ARG A 239 -9.31 18.39 -17.51
C ARG A 239 -8.13 19.36 -17.39
N ILE A 240 -6.90 18.85 -17.46
CA ILE A 240 -5.66 19.57 -17.04
C ILE A 240 -4.55 19.47 -18.11
N GLU A 241 -4.07 20.61 -18.60
CA GLU A 241 -2.71 20.72 -19.22
C GLU A 241 -1.74 21.10 -18.11
N LEU A 242 -0.70 20.31 -17.89
CA LEU A 242 0.42 20.60 -16.96
C LEU A 242 1.69 20.76 -17.80
N LYS A 243 2.46 21.82 -17.55
CA LYS A 243 3.82 22.05 -18.12
C LYS A 243 4.79 22.13 -16.95
N GLY A 244 5.84 21.31 -16.97
CA GLY A 244 6.88 21.25 -15.93
C GLY A 244 8.20 21.74 -16.47
N ILE A 245 8.67 22.88 -15.95
CA ILE A 245 9.75 23.71 -16.57
C ILE A 245 10.97 23.72 -15.64
N ASP A 246 12.16 23.57 -16.21
CA ASP A 246 13.47 23.88 -15.55
C ASP A 246 13.71 22.96 -14.35
N PHE A 247 13.24 21.72 -14.38
CA PHE A 247 13.44 20.75 -13.27
C PHE A 247 14.85 20.21 -13.37
N LYS A 248 15.57 20.18 -12.24
CA LYS A 248 16.81 19.37 -12.08
C LYS A 248 16.47 17.91 -12.39
N GLU A 249 17.25 17.31 -13.30
CA GLU A 249 16.93 16.05 -14.02
C GLU A 249 17.22 14.83 -13.12
N ASP A 250 18.11 14.96 -12.12
CA ASP A 250 18.18 14.01 -10.97
C ASP A 250 18.15 14.82 -9.68
N GLY A 251 17.25 15.81 -9.61
CA GLY A 251 16.72 16.39 -8.37
C GLY A 251 15.53 15.58 -7.86
N ASN A 252 14.92 16.02 -6.75
CA ASN A 252 13.88 15.27 -5.99
C ASN A 252 12.67 14.91 -6.86
N ILE A 253 12.33 15.68 -7.89
CA ILE A 253 11.06 15.45 -8.64
C ILE A 253 11.32 14.39 -9.72
N LEU A 254 12.04 14.72 -10.79
CA LEU A 254 12.39 13.77 -11.87
C LEU A 254 13.19 12.59 -11.31
N GLY A 255 14.02 12.82 -10.28
CA GLY A 255 14.90 11.81 -9.66
C GLY A 255 14.18 10.94 -8.62
N HIS A 256 12.87 11.12 -8.44
CA HIS A 256 11.95 10.23 -7.71
C HIS A 256 12.38 10.03 -6.25
N LYS A 257 12.80 11.10 -5.55
CA LYS A 257 13.45 11.02 -4.22
C LYS A 257 12.46 11.24 -3.05
N LEU A 258 11.15 11.26 -3.29
CA LEU A 258 10.18 11.60 -2.22
C LEU A 258 9.52 10.31 -1.72
N GLU A 259 9.54 10.06 -0.41
CA GLU A 259 8.66 9.07 0.28
C GLU A 259 7.24 9.20 -0.27
N TYR A 260 6.55 8.09 -0.56
CA TYR A 260 5.14 8.07 -1.04
C TYR A 260 4.25 8.63 0.08
N ASP A 261 4.41 8.11 1.31
CA ASP A 261 3.73 8.63 2.53
C ASP A 261 2.21 8.49 2.37
N VAL A 262 1.56 7.94 3.39
CA VAL A 262 0.11 7.62 3.39
C VAL A 262 -0.63 8.94 3.17
N THR A 263 -0.21 9.93 3.96
CA THR A 263 -0.62 11.33 3.88
C THR A 263 0.38 12.07 2.99
N LEU A 264 -0.13 12.93 2.13
CA LEU A 264 0.46 14.26 1.81
C LEU A 264 0.34 15.09 3.09
N MET A 265 1.24 16.05 3.29
CA MET A 265 1.09 17.13 4.30
C MET A 265 0.53 16.52 5.62
N ALA A 266 1.40 15.78 6.33
CA ALA A 266 1.27 15.16 7.69
C ALA A 266 2.44 14.18 7.91
N ASP A 267 2.93 14.06 9.16
CA ASP A 267 4.30 13.55 9.46
C ASP A 267 4.23 12.24 10.23
N SER A 268 5.38 11.69 10.57
CA SER A 268 5.57 10.47 11.41
C SER A 268 5.82 10.85 12.86
N LEU A 269 5.83 9.86 13.75
CA LEU A 269 6.01 10.02 15.22
C LEU A 269 6.78 8.81 15.74
N THR A 270 7.61 9.03 16.75
CA THR A 270 8.43 7.98 17.40
C THR A 270 7.51 7.07 18.22
N GLU A 271 7.99 5.91 18.65
CA GLU A 271 7.29 5.02 19.61
C GLU A 271 6.94 5.83 20.86
N GLU A 272 7.86 6.67 21.32
CA GLU A 272 7.72 7.45 22.58
C GLU A 272 6.57 8.48 22.43
N GLN A 273 6.38 9.02 21.22
CA GLN A 273 5.34 10.07 20.96
C GLN A 273 3.95 9.41 20.88
N VAL A 274 3.82 8.28 20.18
CA VAL A 274 2.52 7.60 20.00
C VAL A 274 2.02 7.11 21.37
N SER A 275 2.92 6.76 22.29
CA SER A 275 2.54 6.34 23.66
C SER A 275 1.95 7.54 24.38
N GLU A 276 2.69 8.65 24.45
CA GLU A 276 2.28 9.86 25.20
C GLU A 276 0.97 10.37 24.64
N TYR A 277 0.81 10.32 23.31
CA TYR A 277 -0.40 10.78 22.61
C TYR A 277 -1.60 9.91 23.00
N LYS A 278 -1.41 8.59 23.07
CA LYS A 278 -2.46 7.63 23.52
C LYS A 278 -2.85 8.02 24.95
N GLU A 279 -1.86 8.35 25.79
CA GLU A 279 -2.06 8.70 27.23
C GLU A 279 -2.92 9.97 27.31
N ALA A 280 -2.56 11.00 26.56
CA ALA A 280 -3.33 12.27 26.44
C ALA A 280 -4.74 11.98 25.92
N PHE A 281 -4.87 11.15 24.89
CA PHE A 281 -6.18 10.76 24.29
C PHE A 281 -7.11 10.24 25.40
N SER A 282 -6.56 9.45 26.33
CA SER A 282 -7.33 8.72 27.35
C SER A 282 -7.76 9.67 28.47
N LEU A 283 -7.15 10.85 28.56
CA LEU A 283 -7.55 11.91 29.54
C LEU A 283 -8.81 12.61 29.04
N PHE A 284 -9.01 12.71 27.71
CA PHE A 284 -10.30 13.13 27.09
C PHE A 284 -11.30 11.98 27.20
N ASP A 285 -10.90 10.78 26.76
CA ASP A 285 -11.76 9.57 26.62
C ASP A 285 -11.85 8.83 27.96
N LYS A 286 -12.48 9.46 28.95
CA LYS A 286 -12.48 8.98 30.36
C LYS A 286 -13.27 7.66 30.49
N ASP A 287 -14.26 7.40 29.63
CA ASP A 287 -15.08 6.15 29.62
C ASP A 287 -14.29 4.99 28.96
N GLY A 288 -13.31 5.27 28.09
CA GLY A 288 -12.46 4.22 27.47
C GLY A 288 -13.13 3.49 26.30
N ASP A 289 -14.17 4.07 25.69
CA ASP A 289 -14.87 3.52 24.48
C ASP A 289 -13.98 3.70 23.24
N GLY A 290 -12.77 4.28 23.39
CA GLY A 290 -11.85 4.60 22.30
C GLY A 290 -12.31 5.78 21.46
N GLN A 291 -13.24 6.59 21.99
CA GLN A 291 -13.89 7.73 21.29
C GLN A 291 -14.01 8.94 22.23
N ILE A 292 -13.56 10.11 21.76
CA ILE A 292 -13.80 11.41 22.45
C ILE A 292 -15.08 11.99 21.85
N THR A 293 -16.09 12.22 22.69
CA THR A 293 -17.39 12.86 22.38
C THR A 293 -17.28 14.37 22.63
N THR A 294 -18.31 15.13 22.26
CA THR A 294 -18.42 16.59 22.50
C THR A 294 -18.33 16.84 24.01
N LYS A 295 -19.03 16.03 24.83
CA LYS A 295 -19.04 16.20 26.32
C LYS A 295 -17.63 15.87 26.84
N GLU A 296 -17.02 14.76 26.39
CA GLU A 296 -15.69 14.32 26.87
C GLU A 296 -14.68 15.45 26.68
N LEU A 297 -14.68 16.06 25.49
CA LEU A 297 -13.76 17.17 25.11
C LEU A 297 -14.05 18.37 25.99
N GLY A 298 -15.33 18.73 26.07
CA GLY A 298 -15.87 19.84 26.86
C GLY A 298 -15.50 19.78 28.33
N THR A 299 -15.54 18.60 28.98
CA THR A 299 -15.17 18.48 30.43
C THR A 299 -13.72 18.94 30.58
N VAL A 300 -12.81 18.34 29.80
CA VAL A 300 -11.36 18.65 29.88
C VAL A 300 -11.17 20.15 29.70
N MET A 301 -11.71 20.72 28.62
CA MET A 301 -11.57 22.17 28.34
C MET A 301 -12.04 22.94 29.58
N ARG A 302 -13.27 22.70 30.03
CA ARG A 302 -13.87 23.25 31.30
C ARG A 302 -12.81 23.20 32.40
N SER A 303 -12.25 22.01 32.64
CA SER A 303 -11.22 21.72 33.66
C SER A 303 -10.15 22.80 33.67
N LEU A 304 -9.70 23.23 32.49
CA LEU A 304 -8.64 24.27 32.29
C LEU A 304 -9.27 25.65 32.08
N ASP A 305 -10.38 25.93 32.76
CA ASP A 305 -10.98 27.29 32.89
C ASP A 305 -11.24 27.89 31.51
N GLN A 306 -11.71 27.08 30.55
CA GLN A 306 -12.26 27.55 29.26
C GLN A 306 -13.59 26.84 29.00
N ASN A 307 -14.69 27.61 28.87
CA ASN A 307 -16.06 27.07 28.75
C ASN A 307 -16.53 27.25 27.30
N PRO A 308 -16.15 26.38 26.34
CA PRO A 308 -16.66 26.45 24.99
C PRO A 308 -18.16 26.12 24.96
N SER A 309 -18.82 26.50 23.85
CA SER A 309 -20.24 26.18 23.55
C SER A 309 -20.31 24.77 22.96
N GLU A 310 -21.47 24.10 23.04
CA GLU A 310 -21.66 22.80 22.35
C GLU A 310 -21.38 23.00 20.86
N SER A 311 -21.83 24.10 20.27
CA SER A 311 -21.70 24.40 18.82
C SER A 311 -20.22 24.45 18.42
N GLU A 312 -19.36 25.02 19.26
CA GLU A 312 -17.88 25.11 19.02
C GLU A 312 -17.30 23.71 19.14
N LEU A 313 -17.70 22.96 20.17
CA LEU A 313 -17.28 21.56 20.41
C LEU A 313 -17.57 20.71 19.15
N GLN A 314 -18.74 20.82 18.52
CA GLN A 314 -19.08 20.01 17.32
C GLN A 314 -18.20 20.49 16.16
N ASP A 315 -18.05 21.81 15.96
CA ASP A 315 -17.13 22.40 14.95
C ASP A 315 -15.74 21.81 15.15
N MET A 316 -15.25 21.83 16.40
CA MET A 316 -13.89 21.34 16.78
C MET A 316 -13.74 19.86 16.38
N ILE A 317 -14.69 19.00 16.75
CA ILE A 317 -14.69 17.56 16.38
C ILE A 317 -14.78 17.44 14.86
N ASN A 318 -15.73 18.12 14.21
CA ASN A 318 -15.97 18.02 12.74
C ASN A 318 -14.66 18.20 11.97
N GLU A 319 -13.75 19.04 12.49
CA GLU A 319 -12.38 19.28 11.95
C GLU A 319 -11.67 17.95 11.66
N VAL A 320 -11.64 17.03 12.62
CA VAL A 320 -10.83 15.77 12.55
C VAL A 320 -11.74 14.55 12.36
N ASP A 321 -13.06 14.70 12.42
CA ASP A 321 -14.01 13.55 12.34
C ASP A 321 -14.22 13.17 10.87
N ALA A 322 -13.24 12.49 10.28
CA ALA A 322 -13.21 12.06 8.86
C ALA A 322 -14.41 11.14 8.58
N ASP A 323 -14.61 10.10 9.40
CA ASP A 323 -15.61 9.03 9.16
C ASP A 323 -17.02 9.46 9.57
N ASN A 324 -17.22 10.73 9.94
CA ASN A 324 -18.54 11.35 10.23
C ASN A 324 -19.33 10.46 11.20
N ASN A 325 -18.71 10.02 12.31
CA ASN A 325 -19.40 9.30 13.41
C ASN A 325 -19.43 10.16 14.67
N GLY A 326 -19.24 11.48 14.52
CA GLY A 326 -19.50 12.51 15.55
C GLY A 326 -18.57 12.44 16.74
N THR A 327 -17.52 11.61 16.66
CA THR A 327 -16.52 11.38 17.74
C THR A 327 -15.11 11.31 17.13
N ILE A 328 -14.09 11.72 17.90
CA ILE A 328 -12.66 11.58 17.56
C ILE A 328 -12.15 10.23 18.12
N ASP A 329 -11.75 9.30 17.24
CA ASP A 329 -11.00 8.07 17.66
C ASP A 329 -9.50 8.38 17.60
N PHE A 330 -8.68 7.50 18.17
CA PHE A 330 -7.23 7.74 18.40
C PHE A 330 -6.54 7.97 17.06
N PRO A 331 -6.85 7.18 16.00
CA PRO A 331 -6.33 7.45 14.67
C PRO A 331 -6.53 8.90 14.19
N GLU A 332 -7.77 9.41 14.34
CA GLU A 332 -8.17 10.79 13.98
C GLU A 332 -7.35 11.78 14.83
N PHE A 333 -7.10 11.44 16.10
CA PHE A 333 -6.37 12.26 17.10
C PHE A 333 -4.88 12.30 16.73
N LEU A 334 -4.32 11.16 16.33
CA LEU A 334 -2.89 11.06 15.91
C LEU A 334 -2.67 11.98 14.69
N THR A 335 -3.57 11.93 13.71
CA THR A 335 -3.44 12.64 12.41
C THR A 335 -3.37 14.14 12.68
N MET A 336 -4.19 14.62 13.61
CA MET A 336 -4.25 16.03 14.06
C MET A 336 -2.93 16.38 14.76
N MET A 337 -2.49 15.53 15.69
CA MET A 337 -1.26 15.74 16.51
C MET A 337 0.01 15.64 15.67
N ALA A 338 -0.05 14.99 14.50
CA ALA A 338 1.15 14.72 13.66
C ALA A 338 1.21 15.70 12.48
N ARG A 339 0.29 16.67 12.38
CA ARG A 339 0.22 17.71 11.33
C ARG A 339 1.55 18.43 11.28
N LYS A 340 1.91 18.96 10.12
CA LYS A 340 3.19 18.57 9.48
C LYS A 340 4.35 18.75 10.47
N MET A 341 4.92 19.96 10.60
CA MET A 341 6.15 20.17 11.42
C MET A 341 6.34 21.66 11.72
N LYS A 342 6.37 22.50 10.67
CA LYS A 342 6.29 23.98 10.77
C LYS A 342 4.93 24.45 10.22
N ASP A 343 3.84 23.76 10.60
CA ASP A 343 2.43 24.18 10.37
C ASP A 343 2.33 25.70 10.63
N THR A 344 2.80 26.15 11.81
CA THR A 344 3.38 27.51 12.07
C THR A 344 4.84 27.33 12.54
N ASP A 345 5.07 26.45 13.53
CA ASP A 345 6.34 26.21 14.29
C ASP A 345 5.96 25.35 15.51
N SER A 346 6.56 24.16 15.66
CA SER A 346 6.39 23.24 16.82
C SER A 346 7.19 23.77 18.03
N GLU A 347 6.79 24.94 18.54
CA GLU A 347 7.56 25.80 19.49
C GLU A 347 6.63 26.94 19.94
N GLU A 348 6.24 27.78 18.98
CA GLU A 348 5.10 28.74 19.03
C GLU A 348 3.94 28.06 19.73
N GLU A 349 3.68 26.82 19.32
CA GLU A 349 2.60 25.92 19.81
C GLU A 349 2.83 25.55 21.28
N ILE A 350 4.04 25.11 21.63
CA ILE A 350 4.37 24.66 23.01
C ILE A 350 4.65 25.90 23.89
N ARG A 351 4.97 27.04 23.27
CA ARG A 351 4.98 28.35 23.98
C ARG A 351 3.53 28.71 24.35
N GLU A 352 2.59 28.37 23.47
CA GLU A 352 1.13 28.68 23.65
C GLU A 352 0.58 27.85 24.81
N ALA A 353 1.28 26.79 25.23
CA ALA A 353 0.88 25.92 26.37
C ALA A 353 1.19 26.59 27.70
N CYS A 354 2.37 27.20 27.82
CA CYS A 354 2.81 28.01 28.98
C CYS A 354 1.61 28.76 29.57
N LYS A 355 0.87 29.53 28.75
CA LYS A 355 -0.33 30.31 29.16
C LYS A 355 -1.12 29.47 30.17
N VAL A 356 -1.53 28.28 29.75
CA VAL A 356 -2.47 27.39 30.51
C VAL A 356 -1.83 27.04 31.86
N PHE A 357 -0.56 26.63 31.86
CA PHE A 357 0.11 26.11 33.08
C PHE A 357 0.42 27.28 34.04
N ASP A 358 0.93 28.42 33.56
CA ASP A 358 1.23 29.59 34.44
C ASP A 358 -0.07 30.34 34.71
N ARG A 359 -0.94 29.76 35.53
CA ARG A 359 -2.32 30.28 35.79
C ARG A 359 -2.27 31.68 36.42
N ASP A 360 -1.35 31.94 37.37
CA ASP A 360 -1.23 33.26 38.06
C ASP A 360 -0.79 34.32 37.03
N ASN A 361 -0.01 33.93 36.02
CA ASN A 361 0.48 34.80 34.90
C ASN A 361 1.80 35.49 35.28
N ASN A 362 2.38 35.12 36.42
CA ASN A 362 3.59 35.72 37.02
C ASN A 362 4.85 35.47 36.16
N GLY A 363 4.80 34.59 35.17
CA GLY A 363 5.95 34.30 34.30
C GLY A 363 6.60 32.97 34.61
N PHE A 364 6.10 32.28 35.64
CA PHE A 364 6.62 30.95 36.10
C PHE A 364 5.46 30.02 36.36
N ILE A 365 5.67 28.73 36.07
CA ILE A 365 4.73 27.63 36.44
C ILE A 365 5.26 27.02 37.75
N SER A 366 4.48 27.15 38.83
CA SER A 366 4.83 26.65 40.19
C SER A 366 4.38 25.20 40.36
N ALA A 367 4.97 24.50 41.32
CA ALA A 367 4.55 23.16 41.79
C ALA A 367 3.04 23.15 42.02
N ALA A 368 2.53 24.19 42.71
CA ALA A 368 1.09 24.44 42.99
C ALA A 368 0.29 24.41 41.68
N GLU A 369 0.67 25.28 40.75
CA GLU A 369 0.02 25.40 39.42
C GLU A 369 0.10 24.04 38.73
N LEU A 370 1.30 23.45 38.67
CA LEU A 370 1.54 22.15 37.99
C LEU A 370 0.57 21.12 38.56
N ARG A 371 0.38 21.11 39.89
CA ARG A 371 -0.60 20.22 40.55
C ARG A 371 -1.98 20.56 39.97
N HIS A 372 -2.45 21.78 40.21
CA HIS A 372 -3.81 22.24 39.83
C HIS A 372 -4.21 21.72 38.45
N VAL A 373 -3.30 21.79 37.47
CA VAL A 373 -3.54 21.39 36.06
C VAL A 373 -3.71 19.87 36.06
N MET A 374 -2.62 19.14 36.33
CA MET A 374 -2.60 17.65 36.36
C MET A 374 -3.91 17.17 36.95
N THR A 375 -4.28 17.70 38.11
CA THR A 375 -5.55 17.37 38.81
C THR A 375 -6.72 17.60 37.84
N SER A 376 -6.90 18.86 37.40
CA SER A 376 -8.00 19.27 36.49
C SER A 376 -8.14 18.25 35.36
N ILE A 377 -7.04 17.88 34.71
CA ILE A 377 -7.10 17.09 33.43
C ILE A 377 -7.41 15.62 33.70
N GLY A 378 -7.15 15.12 34.91
CA GLY A 378 -7.57 13.77 35.34
C GLY A 378 -6.40 12.86 35.70
N GLU A 379 -5.25 13.44 36.08
CA GLU A 379 -4.10 12.74 36.71
C GLU A 379 -4.26 12.74 38.23
N LYS A 380 -4.44 11.57 38.83
CA LYS A 380 -4.17 11.33 40.28
C LYS A 380 -2.66 11.30 40.47
N LEU A 381 -2.15 11.96 41.53
CA LEU A 381 -0.71 12.13 41.84
C LEU A 381 -0.50 12.40 43.33
N THR A 382 0.52 11.79 43.94
CA THR A 382 1.02 12.14 45.30
C THR A 382 1.74 13.50 45.23
N ASP A 383 1.91 14.18 46.37
CA ASP A 383 2.59 15.50 46.42
C ASP A 383 4.11 15.30 46.25
N ASP A 384 4.60 14.07 46.41
CA ASP A 384 6.03 13.68 46.18
C ASP A 384 6.31 13.50 44.67
N GLU A 385 5.28 13.58 43.82
CA GLU A 385 5.39 13.37 42.34
C GLU A 385 5.29 14.73 41.62
N VAL A 386 4.42 15.63 42.11
CA VAL A 386 4.46 17.07 41.73
C VAL A 386 5.92 17.54 41.85
N ASP A 387 6.54 17.32 43.01
CA ASP A 387 7.90 17.82 43.37
C ASP A 387 8.93 17.20 42.43
N GLU A 388 8.76 15.93 42.03
CA GLU A 388 9.70 15.20 41.14
C GLU A 388 9.70 15.87 39.76
N MET A 389 8.51 16.13 39.21
CA MET A 389 8.33 16.80 37.90
C MET A 389 8.97 18.20 37.94
N ILE A 390 8.77 18.97 39.02
CA ILE A 390 9.34 20.34 39.16
C ILE A 390 10.87 20.24 39.07
N ARG A 391 11.49 19.34 39.85
CA ARG A 391 12.97 19.12 39.86
C ARG A 391 13.40 18.61 38.48
N GLU A 392 12.58 17.74 37.87
CA GLU A 392 12.92 17.08 36.59
C GLU A 392 13.00 18.14 35.48
N ALA A 393 12.26 19.24 35.61
CA ALA A 393 12.11 20.28 34.57
C ALA A 393 13.04 21.48 34.86
N ASP A 394 13.51 21.63 36.11
CA ASP A 394 14.01 22.93 36.65
C ASP A 394 15.54 23.05 36.52
N GLN A 395 16.01 23.49 35.36
CA GLN A 395 17.46 23.60 35.06
C GLN A 395 18.13 24.60 36.03
N ASP A 396 17.47 25.69 36.43
CA ASP A 396 18.12 26.86 37.11
C ASP A 396 18.16 26.69 38.63
N GLY A 397 17.51 25.67 39.21
CA GLY A 397 17.42 25.53 40.69
C GLY A 397 16.74 26.74 41.34
N ASP A 398 15.47 26.58 41.74
CA ASP A 398 14.51 27.63 42.18
C ASP A 398 13.20 26.95 42.57
N GLY A 399 12.93 25.77 41.99
CA GLY A 399 11.76 24.92 42.28
C GLY A 399 10.54 25.41 41.53
N ARG A 400 10.79 26.16 40.45
CA ARG A 400 9.80 26.72 39.50
C ARG A 400 10.28 26.46 38.07
N ILE A 401 9.34 26.11 37.17
CA ILE A 401 9.58 25.97 35.71
C ILE A 401 9.33 27.32 35.03
N ASP A 402 10.33 27.86 34.34
CA ASP A 402 10.19 29.10 33.51
C ASP A 402 9.85 28.68 32.07
N TYR A 403 9.36 29.63 31.25
CA TYR A 403 8.77 29.36 29.92
C TYR A 403 9.84 28.70 29.03
N ASN A 404 11.11 29.05 29.24
CA ASN A 404 12.26 28.46 28.50
C ASN A 404 12.49 27.04 29.04
N GLU A 405 12.57 26.87 30.36
CA GLU A 405 12.66 25.55 31.06
C GLU A 405 11.57 24.63 30.47
N PHE A 406 10.35 25.15 30.34
CA PHE A 406 9.14 24.41 29.86
C PHE A 406 9.34 23.93 28.43
N VAL A 407 9.60 24.84 27.48
CA VAL A 407 9.76 24.46 26.04
C VAL A 407 11.03 23.63 25.89
N GLN A 408 12.00 23.76 26.80
CA GLN A 408 13.28 22.99 26.78
C GLN A 408 12.95 21.49 26.85
N LEU A 409 12.14 21.08 27.83
CA LEU A 409 11.60 19.71 27.99
C LEU A 409 10.64 19.42 26.82
N MET A 410 11.13 19.51 25.57
CA MET A 410 10.36 19.65 24.30
C MET A 410 9.00 18.95 24.38
N ARG B 1 -3.33 -4.66 -35.29
CA ARG B 1 -2.61 -5.60 -36.24
C ARG B 1 -1.42 -6.28 -35.56
N ARG B 2 -0.98 -5.77 -34.40
CA ARG B 2 0.03 -6.39 -33.50
C ARG B 2 -0.68 -7.22 -32.42
N THR B 3 -2.02 -7.29 -32.47
CA THR B 3 -2.88 -8.43 -32.02
C THR B 3 -2.01 -9.59 -31.54
N LEU B 4 -1.31 -10.22 -32.50
CA LEU B 4 -0.20 -11.21 -32.38
C LEU B 4 0.24 -11.44 -30.94
N HIS B 5 0.58 -10.35 -30.23
CA HIS B 5 0.95 -10.36 -28.79
C HIS B 5 0.01 -11.27 -28.02
N LYS B 6 -1.31 -11.14 -28.20
CA LYS B 6 -2.35 -12.05 -27.64
C LYS B 6 -1.90 -13.51 -27.82
N ALA B 7 -1.69 -13.93 -29.07
CA ALA B 7 -1.29 -15.31 -29.43
C ALA B 7 -0.01 -15.68 -28.68
N ILE B 8 1.03 -14.85 -28.78
CA ILE B 8 2.34 -15.11 -28.12
C ILE B 8 2.15 -15.08 -26.60
N ASP B 9 1.43 -14.06 -26.09
CA ASP B 9 1.15 -13.87 -24.65
C ASP B 9 0.37 -15.09 -24.14
N THR B 10 -0.42 -15.74 -25.00
CA THR B 10 -1.20 -16.96 -24.64
C THR B 10 -0.21 -18.11 -24.42
N VAL B 11 0.61 -18.42 -25.42
CA VAL B 11 1.66 -19.48 -25.30
C VAL B 11 2.59 -19.09 -24.15
N ARG B 12 2.97 -17.80 -24.03
CA ARG B 12 3.92 -17.31 -22.99
C ARG B 12 3.35 -17.69 -21.61
N ALA B 13 2.08 -17.36 -21.36
CA ALA B 13 1.38 -17.61 -20.08
C ALA B 13 1.40 -19.09 -19.74
N ILE B 14 1.45 -19.97 -20.75
CA ILE B 14 1.42 -21.45 -20.55
C ILE B 14 2.83 -21.93 -20.20
N ASN B 15 3.86 -21.42 -20.87
CA ASN B 15 5.27 -21.82 -20.56
C ASN B 15 5.58 -21.47 -19.10
N LYS B 16 5.09 -20.33 -18.60
CA LYS B 16 5.41 -19.81 -17.24
C LYS B 16 4.73 -20.66 -16.16
N LEU B 17 3.46 -21.03 -16.35
CA LEU B 17 2.73 -21.88 -15.36
C LEU B 17 3.39 -23.27 -15.35
N ARG B 18 3.68 -23.83 -16.54
CA ARG B 18 4.35 -25.15 -16.74
C ARG B 18 5.76 -25.09 -16.13
N GLU B 19 6.69 -24.35 -16.74
CA GLU B 19 8.07 -24.18 -16.20
C GLU B 19 7.96 -23.58 -14.79
N GLY B 20 6.82 -22.98 -14.46
CA GLY B 20 6.21 -22.92 -13.12
C GLY B 20 7.12 -22.34 -12.07
N LEU B 21 7.38 -21.03 -12.13
CA LEU B 21 8.38 -20.36 -11.26
C LEU B 21 7.87 -20.38 -9.81
N GLY B 22 8.46 -21.29 -9.01
CA GLY B 22 8.86 -21.09 -7.61
C GLY B 22 9.64 -19.79 -7.49
N ASN B 23 10.88 -19.84 -7.00
CA ASN B 23 11.85 -18.70 -6.92
C ASN B 23 12.92 -18.91 -5.83
N VAL B 24 12.72 -19.80 -4.84
CA VAL B 24 13.72 -20.08 -3.75
C VAL B 24 13.99 -21.59 -3.65
N TYR B 25 15.18 -22.01 -4.13
CA TYR B 25 15.62 -23.42 -4.26
C TYR B 25 16.12 -23.98 -2.93
N ILE B 26 15.53 -25.09 -2.46
CA ILE B 26 15.87 -25.76 -1.17
C ILE B 26 16.56 -27.09 -1.44
N LYS B 27 17.86 -27.18 -1.08
CA LYS B 27 18.71 -28.40 -1.08
C LYS B 27 18.99 -28.74 0.38
N ALA B 28 19.48 -29.96 0.67
CA ALA B 28 19.68 -30.47 2.05
C ALA B 28 21.15 -30.28 2.46
N ASP B 29 21.42 -30.43 3.76
CA ASP B 29 22.77 -30.47 4.38
C ASP B 29 22.81 -31.66 5.34
N LYS B 30 23.01 -32.87 4.79
CA LYS B 30 23.11 -34.13 5.59
C LYS B 30 23.92 -33.86 6.86
N GLN B 31 25.15 -33.37 6.68
CA GLN B 31 26.14 -33.11 7.76
C GLN B 31 25.47 -32.38 8.93
N LYS B 32 24.89 -31.20 8.68
CA LYS B 32 24.38 -30.30 9.76
C LYS B 32 22.93 -30.68 10.14
N ASN B 33 22.40 -31.79 9.61
CA ASN B 33 21.08 -32.38 10.01
C ASN B 33 19.97 -31.36 9.70
N GLY B 34 20.10 -30.64 8.58
CA GLY B 34 19.17 -29.56 8.17
C GLY B 34 19.26 -29.27 6.68
N ILE B 35 19.02 -28.01 6.28
CA ILE B 35 18.83 -27.63 4.86
C ILE B 35 19.64 -26.38 4.50
N LYS B 36 19.76 -26.13 3.20
CA LYS B 36 20.56 -25.04 2.58
C LYS B 36 19.63 -24.39 1.54
N ALA B 37 19.84 -23.10 1.19
CA ALA B 37 19.07 -22.42 0.14
C ALA B 37 19.78 -21.18 -0.40
N ASN B 38 19.73 -20.98 -1.73
CA ASN B 38 20.22 -19.79 -2.49
C ASN B 38 19.06 -19.21 -3.30
N PHE B 39 18.97 -17.87 -3.41
CA PHE B 39 17.99 -17.15 -4.29
C PHE B 39 18.33 -15.65 -4.40
N LYS B 40 17.93 -15.03 -5.51
CA LYS B 40 18.09 -13.57 -5.76
C LYS B 40 16.76 -12.87 -5.48
N ILE B 41 16.83 -11.58 -5.16
CA ILE B 41 15.68 -10.65 -5.00
C ILE B 41 16.07 -9.40 -5.79
N ARG B 42 15.20 -8.93 -6.66
CA ARG B 42 15.48 -7.75 -7.53
C ARG B 42 14.62 -6.59 -7.01
N HIS B 43 15.22 -5.74 -6.17
CA HIS B 43 14.62 -4.48 -5.64
C HIS B 43 14.70 -3.41 -6.71
N ASN B 44 13.56 -2.83 -7.12
CA ASN B 44 13.54 -1.72 -8.12
C ASN B 44 14.08 -0.45 -7.45
N ILE B 45 14.90 0.29 -8.20
CA ILE B 45 15.44 1.62 -7.82
C ILE B 45 14.58 2.65 -8.52
N GLU B 46 14.23 3.74 -7.86
CA GLU B 46 13.66 4.95 -8.51
C GLU B 46 14.66 5.42 -9.58
N ASP B 47 14.22 6.28 -10.49
CA ASP B 47 15.10 6.78 -11.60
C ASP B 47 15.66 5.54 -12.29
N GLY B 48 14.81 4.52 -12.47
CA GLY B 48 15.07 3.22 -13.13
C GLY B 48 15.99 2.31 -12.33
N GLY B 49 16.01 1.02 -12.70
CA GLY B 49 17.07 0.07 -12.34
C GLY B 49 16.64 -0.93 -11.28
N VAL B 50 17.53 -1.85 -10.92
CA VAL B 50 17.27 -2.97 -9.96
C VAL B 50 18.49 -3.13 -9.04
N GLN B 51 18.30 -3.06 -7.73
CA GLN B 51 19.33 -3.37 -6.70
C GLN B 51 19.22 -4.87 -6.38
N LEU B 52 20.09 -5.69 -6.95
CA LEU B 52 20.09 -7.16 -6.73
C LEU B 52 20.51 -7.46 -5.30
N ALA B 53 19.90 -8.51 -4.71
CA ALA B 53 20.19 -9.02 -3.36
C ALA B 53 20.35 -10.53 -3.41
N TYR B 54 21.59 -11.03 -3.41
CA TYR B 54 21.93 -12.47 -3.45
C TYR B 54 21.81 -13.04 -2.03
N HIS B 55 20.95 -14.05 -1.88
CA HIS B 55 20.56 -14.67 -0.59
C HIS B 55 21.26 -16.03 -0.48
N TYR B 56 21.90 -16.32 0.65
CA TYR B 56 22.54 -17.61 1.01
C TYR B 56 22.01 -18.02 2.39
N GLN B 57 21.57 -19.26 2.53
CA GLN B 57 20.71 -19.66 3.67
C GLN B 57 21.10 -21.05 4.16
N GLN B 58 21.27 -21.17 5.48
CA GLN B 58 21.58 -22.41 6.21
C GLN B 58 20.63 -22.48 7.42
N ASN B 59 19.77 -23.50 7.49
CA ASN B 59 18.97 -23.80 8.70
C ASN B 59 19.46 -25.14 9.28
N THR B 60 19.67 -25.21 10.60
CA THR B 60 19.94 -26.46 11.35
C THR B 60 19.00 -26.55 12.55
N PRO B 61 18.55 -27.76 12.94
CA PRO B 61 17.57 -27.91 14.02
C PRO B 61 18.19 -27.62 15.40
N ILE B 62 17.40 -27.05 16.32
CA ILE B 62 17.81 -26.66 17.70
C ILE B 62 17.83 -27.92 18.57
N GLY B 63 16.76 -28.72 18.52
CA GLY B 63 16.61 -29.98 19.27
C GLY B 63 17.49 -31.10 18.73
N ASP B 64 17.88 -32.04 19.60
CA ASP B 64 18.71 -33.23 19.29
C ASP B 64 17.83 -34.28 18.60
N GLY B 65 16.49 -34.11 18.64
CA GLY B 65 15.48 -35.06 18.11
C GLY B 65 15.56 -35.24 16.59
N PRO B 66 14.67 -36.08 16.01
CA PRO B 66 14.69 -36.36 14.58
C PRO B 66 13.98 -35.28 13.74
N VAL B 67 14.21 -35.30 12.43
CA VAL B 67 13.82 -34.22 11.48
C VAL B 67 13.75 -34.81 10.07
N LEU B 68 12.89 -34.29 9.19
CA LEU B 68 12.84 -34.68 7.75
C LEU B 68 13.94 -33.93 6.97
N LEU B 69 14.74 -34.63 6.16
CA LEU B 69 15.79 -34.05 5.30
C LEU B 69 15.39 -34.18 3.82
N PRO B 70 14.93 -33.09 3.20
CA PRO B 70 14.23 -33.13 1.92
C PRO B 70 15.05 -33.37 0.65
N ASP B 71 14.40 -33.85 -0.40
CA ASP B 71 14.95 -33.81 -1.78
C ASP B 71 14.85 -32.35 -2.26
N ASN B 72 15.72 -31.96 -3.20
CA ASN B 72 15.66 -30.62 -3.83
C ASN B 72 14.22 -30.33 -4.25
N HIS B 73 13.65 -29.21 -3.80
CA HIS B 73 12.38 -28.62 -4.28
C HIS B 73 12.44 -27.09 -4.24
N TYR B 74 11.36 -26.42 -4.66
CA TYR B 74 11.22 -24.95 -4.67
C TYR B 74 10.13 -24.52 -3.68
N LEU B 75 10.31 -23.35 -3.07
CA LEU B 75 9.21 -22.56 -2.45
C LEU B 75 8.89 -21.41 -3.38
N SER B 76 7.59 -21.14 -3.54
CA SER B 76 7.08 -19.99 -4.32
C SER B 76 6.40 -19.04 -3.33
N VAL B 77 6.86 -17.78 -3.27
CA VAL B 77 6.26 -16.75 -2.39
C VAL B 77 5.80 -15.57 -3.24
N GLN B 78 4.58 -15.09 -2.93
CA GLN B 78 4.00 -13.82 -3.40
C GLN B 78 3.81 -12.95 -2.18
N SER B 79 4.28 -11.71 -2.21
CA SER B 79 4.17 -10.73 -1.10
C SER B 79 3.28 -9.57 -1.53
N LYS B 80 2.63 -8.92 -0.57
CA LYS B 80 1.83 -7.68 -0.78
C LYS B 80 2.11 -6.76 0.41
N LEU B 81 2.97 -5.75 0.23
CA LEU B 81 3.33 -4.72 1.24
C LEU B 81 2.36 -3.53 1.13
N SER B 82 1.94 -2.89 2.24
CA SER B 82 0.69 -2.08 2.22
C SER B 82 0.79 -0.67 2.83
N LYS B 83 1.24 -0.57 4.09
CA LYS B 83 1.08 0.60 5.00
C LYS B 83 -0.37 0.78 5.49
N ASP B 84 -0.50 0.82 6.82
CA ASP B 84 -1.74 1.02 7.59
C ASP B 84 -2.02 2.52 7.70
N PRO B 85 -3.11 3.03 7.09
CA PRO B 85 -3.32 4.48 6.98
C PRO B 85 -3.38 5.18 8.35
N ASN B 86 -3.88 4.47 9.36
CA ASN B 86 -4.02 4.93 10.76
C ASN B 86 -2.65 5.06 11.42
N GLU B 87 -1.76 4.09 11.20
CA GLU B 87 -0.42 3.97 11.85
C GLU B 87 0.47 5.14 11.41
N LYS B 88 1.13 5.81 12.36
CA LYS B 88 2.00 7.00 12.13
C LYS B 88 3.44 6.71 12.58
N ARG B 89 3.75 5.47 12.98
CA ARG B 89 5.16 5.03 13.17
C ARG B 89 5.66 4.37 11.89
N ASP B 90 6.97 4.42 11.68
CA ASP B 90 7.60 3.70 10.55
C ASP B 90 7.15 2.25 10.73
N HIS B 91 6.45 1.70 9.74
CA HIS B 91 5.88 0.33 9.79
C HIS B 91 5.77 -0.25 8.37
N MET B 92 5.51 -1.55 8.28
CA MET B 92 5.18 -2.25 7.03
C MET B 92 4.07 -3.26 7.32
N VAL B 93 3.07 -3.34 6.45
CA VAL B 93 2.05 -4.42 6.49
C VAL B 93 2.35 -5.43 5.39
N LEU B 94 2.66 -6.67 5.78
CA LEU B 94 3.02 -7.78 4.87
C LEU B 94 1.88 -8.80 4.83
N LEU B 95 1.45 -9.17 3.63
CA LEU B 95 0.56 -10.32 3.40
C LEU B 95 1.32 -11.23 2.43
N GLU B 96 1.43 -12.53 2.71
CA GLU B 96 2.21 -13.50 1.91
C GLU B 96 1.40 -14.77 1.65
N PHE B 97 1.61 -15.33 0.46
CA PHE B 97 1.08 -16.63 -0.01
C PHE B 97 2.28 -17.50 -0.37
N VAL B 98 2.50 -18.62 0.34
CA VAL B 98 3.67 -19.51 0.14
C VAL B 98 3.22 -20.96 -0.08
N THR B 99 3.68 -21.60 -1.16
CA THR B 99 3.48 -23.04 -1.46
C THR B 99 4.78 -23.65 -1.96
N ALA B 100 4.79 -24.99 -2.06
CA ALA B 100 5.93 -25.84 -2.49
C ALA B 100 5.56 -26.67 -3.74
N LYS B 122 4.44 -35.13 14.38
CA LYS B 122 3.78 -34.41 15.51
C LYS B 122 4.15 -32.92 15.51
N GLY B 123 5.11 -32.50 14.67
CA GLY B 123 5.42 -31.08 14.39
C GLY B 123 4.41 -30.47 13.43
N GLU B 124 4.05 -31.20 12.35
CA GLU B 124 3.03 -30.78 11.36
C GLU B 124 1.73 -30.44 12.11
N GLU B 125 1.34 -31.26 13.09
CA GLU B 125 0.03 -31.15 13.81
C GLU B 125 -0.13 -29.76 14.44
N LEU B 126 0.95 -28.98 14.61
CA LEU B 126 0.94 -27.64 15.27
C LEU B 126 0.44 -26.55 14.31
N PHE B 127 0.46 -26.81 13.00
CA PHE B 127 0.24 -25.77 11.95
C PHE B 127 -1.11 -25.97 11.25
N THR B 128 -1.75 -27.13 11.47
CA THR B 128 -3.11 -27.45 11.00
C THR B 128 -4.04 -26.26 11.24
N GLY B 129 -4.00 -25.66 12.44
CA GLY B 129 -4.86 -24.53 12.81
C GLY B 129 -4.38 -23.21 12.22
N VAL B 130 -4.75 -22.12 12.89
CA VAL B 130 -4.24 -20.74 12.65
C VAL B 130 -3.31 -20.42 13.82
N VAL B 131 -2.01 -20.33 13.58
CA VAL B 131 -1.00 -20.05 14.62
C VAL B 131 -0.71 -18.56 14.63
N PRO B 132 -0.62 -17.92 15.82
CA PRO B 132 -0.24 -16.51 15.93
C PRO B 132 1.29 -16.38 15.87
N ILE B 133 1.79 -15.25 15.39
CA ILE B 133 3.24 -15.01 15.07
C ILE B 133 3.75 -13.76 15.79
N LEU B 134 4.82 -13.89 16.55
CA LEU B 134 5.62 -12.76 17.07
C LEU B 134 6.92 -12.74 16.26
N VAL B 135 7.40 -11.56 15.90
CA VAL B 135 8.71 -11.35 15.20
C VAL B 135 9.40 -10.19 15.92
N GLU B 136 10.72 -10.28 16.12
CA GLU B 136 11.52 -9.31 16.90
C GLU B 136 12.95 -9.34 16.34
N LEU B 137 13.44 -8.20 15.87
CA LEU B 137 14.74 -8.11 15.18
C LEU B 137 15.54 -6.98 15.83
N ASP B 138 16.85 -7.18 16.04
CA ASP B 138 17.82 -6.11 16.40
C ASP B 138 18.83 -5.95 15.25
N GLY B 139 18.85 -4.79 14.62
CA GLY B 139 19.79 -4.47 13.53
C GLY B 139 20.89 -3.53 13.97
N ASP B 140 22.05 -3.68 13.34
CA ASP B 140 23.20 -2.72 13.35
C ASP B 140 23.65 -2.65 11.89
N VAL B 141 23.36 -1.56 11.19
CA VAL B 141 23.74 -1.39 9.76
C VAL B 141 24.64 -0.17 9.61
N ASN B 142 25.94 -0.41 9.47
CA ASN B 142 27.01 0.62 9.53
C ASN B 142 26.87 1.35 10.88
N GLY B 143 26.61 0.62 11.96
CA GLY B 143 26.55 1.19 13.32
C GLY B 143 25.30 2.01 13.55
N HIS B 144 24.37 2.05 12.57
CA HIS B 144 22.99 2.62 12.70
C HIS B 144 22.06 1.55 13.29
N LYS B 145 21.97 1.45 14.62
CA LYS B 145 21.19 0.42 15.34
C LYS B 145 19.68 0.72 15.24
N PHE B 146 18.85 -0.30 15.38
CA PHE B 146 17.37 -0.19 15.28
C PHE B 146 16.72 -1.54 15.60
N SER B 147 15.45 -1.51 15.98
CA SER B 147 14.63 -2.71 16.30
C SER B 147 13.29 -2.66 15.57
N VAL B 148 12.74 -3.83 15.24
CA VAL B 148 11.44 -4.02 14.55
C VAL B 148 10.68 -5.12 15.31
N SER B 149 9.38 -4.91 15.57
CA SER B 149 8.47 -5.90 16.19
C SER B 149 7.38 -6.31 15.19
N GLY B 150 7.03 -7.59 15.15
CA GLY B 150 6.07 -8.18 14.19
C GLY B 150 4.96 -8.95 14.90
N GLU B 151 3.71 -8.60 14.60
CA GLU B 151 2.50 -9.26 15.15
C GLU B 151 1.71 -9.84 13.99
N GLY B 152 1.05 -10.98 14.18
CA GLY B 152 0.08 -11.50 13.21
C GLY B 152 -0.15 -13.00 13.35
N GLU B 153 -0.58 -13.63 12.26
CA GLU B 153 -0.91 -15.07 12.29
C GLU B 153 -0.56 -15.70 10.95
N GLY B 154 -0.47 -17.02 10.94
CA GLY B 154 -0.18 -17.84 9.76
C GLY B 154 -1.16 -18.99 9.65
N ASP B 155 -1.67 -19.22 8.45
CA ASP B 155 -2.47 -20.42 8.09
C ASP B 155 -1.66 -21.26 7.10
N ALA B 156 -0.87 -22.20 7.60
CA ALA B 156 0.01 -23.09 6.80
C ALA B 156 -0.83 -23.86 5.78
N THR B 157 -2.02 -24.27 6.18
CA THR B 157 -2.96 -25.11 5.38
C THR B 157 -3.23 -24.47 4.01
N TYR B 158 -3.40 -23.15 3.96
CA TYR B 158 -3.70 -22.34 2.74
C TYR B 158 -2.45 -21.51 2.33
N GLY B 159 -1.35 -21.65 3.09
CA GLY B 159 -0.06 -20.99 2.80
C GLY B 159 -0.08 -19.49 3.01
N LYS B 160 -0.98 -18.96 3.83
CA LYS B 160 -1.18 -17.50 3.98
C LYS B 160 -0.53 -17.01 5.29
N LEU B 161 0.21 -15.91 5.22
CA LEU B 161 0.73 -15.13 6.37
C LEU B 161 0.13 -13.71 6.37
N THR B 162 -0.22 -13.21 7.54
CA THR B 162 -0.64 -11.80 7.80
C THR B 162 0.21 -11.26 8.94
N LEU B 163 0.80 -10.09 8.77
CA LEU B 163 1.84 -9.54 9.67
C LEU B 163 1.87 -8.01 9.54
N LYS B 164 2.08 -7.32 10.67
CA LYS B 164 2.33 -5.86 10.70
C LYS B 164 3.62 -5.66 11.50
N PHE B 165 4.60 -4.98 10.91
CA PHE B 165 5.90 -4.64 11.55
C PHE B 165 5.89 -3.16 11.89
N ILE B 166 6.67 -2.77 12.91
CA ILE B 166 6.82 -1.36 13.40
C ILE B 166 8.30 -1.18 13.77
N CYS B 167 8.99 -0.13 13.29
CA CYS B 167 10.36 0.17 13.77
C CYS B 167 10.26 0.90 15.12
N THR B 168 10.43 0.14 16.20
CA THR B 168 10.26 0.58 17.60
C THR B 168 11.42 1.47 18.05
N THR B 169 12.32 1.87 17.14
CA THR B 169 13.49 2.72 17.48
C THR B 169 13.48 3.97 16.59
N GLY B 170 12.31 4.37 16.07
CA GLY B 170 12.19 5.55 15.20
C GLY B 170 12.18 5.16 13.73
N LYS B 171 12.89 5.91 12.88
CA LYS B 171 12.94 5.71 11.41
C LYS B 171 13.84 4.53 11.10
N LEU B 172 13.35 3.56 10.31
CA LEU B 172 14.13 2.40 9.82
C LEU B 172 15.25 2.92 8.90
N PRO B 173 16.55 2.65 9.22
CA PRO B 173 17.67 3.11 8.39
C PRO B 173 17.84 2.39 7.05
N VAL B 174 17.03 1.36 6.79
CA VAL B 174 17.05 0.54 5.54
C VAL B 174 15.62 0.48 4.97
N PRO B 175 15.46 0.19 3.66
CA PRO B 175 14.15 0.01 3.06
C PRO B 175 13.47 -1.28 3.53
N TRP B 176 12.20 -1.17 3.94
CA TRP B 176 11.39 -2.31 4.43
C TRP B 176 11.50 -3.49 3.47
N PRO B 177 11.48 -3.32 2.13
CA PRO B 177 11.53 -4.50 1.25
C PRO B 177 12.80 -5.34 1.45
N THR B 178 13.92 -4.74 1.87
CA THR B 178 15.18 -5.47 2.21
C THR B 178 15.03 -6.27 3.51
N LEU B 179 14.02 -6.00 4.33
CA LEU B 179 13.80 -6.79 5.58
C LEU B 179 12.80 -7.93 5.35
N VAL B 180 12.08 -7.97 4.22
CA VAL B 180 10.95 -8.93 4.03
C VAL B 180 11.46 -10.37 4.25
N THR B 181 12.52 -10.77 3.55
CA THR B 181 13.06 -12.15 3.58
C THR B 181 13.55 -12.48 4.99
N THR B 182 14.14 -11.51 5.66
CA THR B 182 14.74 -11.68 7.00
C THR B 182 13.62 -11.90 8.01
N LEU B 183 12.60 -11.03 8.05
CA LEU B 183 11.53 -11.10 9.10
C LEU B 183 10.37 -11.97 8.60
N1 CRO B 184 10.25 -12.64 7.41
CA1 CRO B 184 9.44 -13.75 6.90
CB1 CRO B 184 8.21 -13.23 6.20
CG1 CRO B 184 7.36 -12.44 7.19
OG1 CRO B 184 8.70 -12.47 5.08
C1 CRO B 184 10.26 -14.55 5.96
N2 CRO B 184 10.25 -14.50 4.58
N3 CRO B 184 11.18 -15.42 6.43
C2 CRO B 184 11.77 -15.94 5.34
O2 CRO B 184 12.71 -16.81 5.30
CA2 CRO B 184 11.19 -15.38 4.15
CA3 CRO B 184 11.50 -15.69 7.85
C3 CRO B 184 10.88 -16.89 8.56
O3 CRO B 184 11.63 -17.33 9.51
CB2 CRO B 184 11.58 -15.76 2.80
CG2 CRO B 184 11.12 -15.16 1.54
CD1 CRO B 184 10.11 -14.23 1.38
CD2 CRO B 184 11.90 -15.45 0.43
CE1 CRO B 184 9.87 -13.68 0.12
CE2 CRO B 184 11.65 -14.93 -0.82
CZ CRO B 184 10.63 -14.03 -0.99
OH CRO B 184 10.41 -13.51 -2.23
N VAL B 185 9.57 -16.99 8.23
CA VAL B 185 8.96 -18.15 8.94
C VAL B 185 8.45 -19.12 7.87
N GLN B 186 9.35 -19.97 7.38
CA GLN B 186 9.13 -20.90 6.24
C GLN B 186 8.34 -22.11 6.73
N CYS B 187 8.17 -22.27 8.05
CA CYS B 187 7.35 -23.36 8.63
C CYS B 187 5.86 -23.14 8.29
N PHE B 188 5.49 -21.99 7.70
CA PHE B 188 4.10 -21.68 7.27
C PHE B 188 3.90 -21.95 5.77
N SER B 189 4.96 -22.24 5.02
CA SER B 189 4.87 -22.74 3.63
C SER B 189 3.84 -23.87 3.55
N ARG B 190 2.89 -23.77 2.62
CA ARG B 190 1.92 -24.86 2.31
C ARG B 190 2.65 -25.98 1.58
N TYR B 191 2.90 -27.10 2.27
CA TYR B 191 3.54 -28.30 1.70
C TYR B 191 2.44 -29.25 1.23
N PRO B 192 2.25 -29.44 -0.10
CA PRO B 192 1.19 -30.32 -0.59
C PRO B 192 1.39 -31.75 -0.06
N ASP B 193 0.29 -32.40 0.36
CA ASP B 193 0.30 -33.71 1.06
C ASP B 193 1.33 -34.64 0.42
N HIS B 194 1.37 -34.69 -0.92
CA HIS B 194 2.16 -35.68 -1.69
C HIS B 194 3.65 -35.49 -1.39
N MET B 195 4.09 -34.29 -0.94
CA MET B 195 5.53 -33.99 -0.62
C MET B 195 5.71 -33.58 0.86
N LYS B 196 4.70 -33.80 1.71
CA LYS B 196 4.78 -33.53 3.17
C LYS B 196 6.05 -34.17 3.75
N GLN B 197 6.67 -35.13 3.05
CA GLN B 197 7.89 -35.84 3.52
C GLN B 197 9.08 -34.87 3.60
N HIS B 198 9.04 -33.75 2.89
CA HIS B 198 10.20 -32.84 2.67
C HIS B 198 10.08 -31.53 3.48
N ASP B 199 9.02 -31.36 4.27
CA ASP B 199 8.74 -30.10 5.03
C ASP B 199 9.61 -30.09 6.29
N PHE B 200 10.90 -29.76 6.11
CA PHE B 200 11.93 -29.68 7.18
C PHE B 200 11.46 -28.82 8.36
N PHE B 201 10.88 -27.67 8.05
CA PHE B 201 10.69 -26.52 8.99
C PHE B 201 9.68 -26.89 10.08
N LYS B 202 8.58 -27.54 9.71
CA LYS B 202 7.54 -27.98 10.68
C LYS B 202 8.11 -29.16 11.47
N SER B 203 8.78 -30.08 10.76
CA SER B 203 9.45 -31.28 11.32
C SER B 203 10.36 -30.89 12.50
N ALA B 204 10.98 -29.71 12.44
CA ALA B 204 11.91 -29.16 13.46
C ALA B 204 11.19 -28.75 14.74
N MET B 205 9.88 -28.49 14.69
CA MET B 205 9.14 -27.83 15.80
C MET B 205 8.67 -28.92 16.75
N PRO B 206 8.40 -28.63 18.06
CA PRO B 206 8.41 -27.27 18.61
C PRO B 206 9.79 -26.77 19.04
N GLU B 207 10.75 -27.69 19.22
CA GLU B 207 12.15 -27.37 19.61
C GLU B 207 12.60 -26.14 18.79
N GLY B 208 12.28 -26.13 17.49
CA GLY B 208 12.59 -25.00 16.58
C GLY B 208 13.77 -25.31 15.67
N TYR B 209 14.21 -24.29 14.92
CA TYR B 209 15.40 -24.35 14.04
C TYR B 209 16.12 -22.99 14.07
N ILE B 210 17.44 -23.00 13.79
CA ILE B 210 18.23 -21.75 13.56
C ILE B 210 18.25 -21.45 12.06
N GLN B 211 17.86 -20.24 11.67
CA GLN B 211 17.94 -19.76 10.26
C GLN B 211 19.01 -18.66 10.16
N GLU B 212 20.11 -18.97 9.46
CA GLU B 212 21.25 -18.07 9.26
C GLU B 212 21.29 -17.69 7.78
N ARG B 213 21.50 -16.42 7.48
CA ARG B 213 21.61 -15.95 6.07
C ARG B 213 22.72 -14.91 5.93
N THR B 214 23.37 -14.91 4.77
CA THR B 214 24.17 -13.79 4.24
C THR B 214 23.40 -13.22 3.05
N ILE B 215 23.10 -11.92 3.08
CA ILE B 215 22.43 -11.24 1.94
C ILE B 215 23.41 -10.20 1.39
N PHE B 216 23.84 -10.40 0.15
CA PHE B 216 24.79 -9.54 -0.58
C PHE B 216 24.01 -8.61 -1.52
N PHE B 217 24.02 -7.30 -1.22
CA PHE B 217 23.46 -6.25 -2.11
C PHE B 217 24.54 -5.81 -3.10
N LYS B 218 24.38 -6.10 -4.39
CA LYS B 218 25.43 -5.85 -5.43
C LYS B 218 25.94 -4.42 -5.28
N ASP B 219 27.25 -4.23 -5.53
CA ASP B 219 27.98 -2.94 -5.41
C ASP B 219 27.48 -2.14 -4.19
N ASP B 220 27.15 -2.82 -3.09
CA ASP B 220 26.86 -2.19 -1.78
C ASP B 220 27.13 -3.24 -0.70
N GLY B 221 26.79 -2.94 0.57
CA GLY B 221 27.11 -3.79 1.74
C GLY B 221 26.33 -5.10 1.74
N TYR B 222 26.42 -5.84 2.83
CA TYR B 222 25.76 -7.16 2.98
C TYR B 222 25.14 -7.26 4.38
N TYR B 223 23.96 -7.88 4.46
CA TYR B 223 23.38 -8.28 5.76
C TYR B 223 23.97 -9.64 6.15
N LYS B 224 24.10 -9.84 7.45
CA LYS B 224 24.42 -11.10 8.15
C LYS B 224 23.29 -11.33 9.14
N THR B 225 22.50 -12.38 8.99
CA THR B 225 21.37 -12.69 9.91
C THR B 225 21.66 -14.01 10.61
N ARG B 226 21.41 -14.05 11.92
CA ARG B 226 21.17 -15.28 12.71
C ARG B 226 19.80 -15.11 13.38
N ALA B 227 18.87 -16.01 13.07
CA ALA B 227 17.50 -16.00 13.59
C ALA B 227 17.16 -17.39 14.12
N GLU B 228 16.30 -17.45 15.11
CA GLU B 228 15.89 -18.69 15.82
C GLU B 228 14.36 -18.71 15.76
N VAL B 229 13.77 -19.81 15.25
CA VAL B 229 12.33 -19.95 14.93
C VAL B 229 11.80 -21.15 15.69
N LYS B 230 11.03 -20.91 16.76
CA LYS B 230 10.48 -21.98 17.65
C LYS B 230 9.22 -21.45 18.30
N PHE B 231 8.41 -22.34 18.89
CA PHE B 231 7.21 -21.98 19.67
C PHE B 231 7.63 -21.44 21.03
N GLU B 232 6.90 -20.43 21.52
CA GLU B 232 6.87 -20.02 22.93
C GLU B 232 5.39 -20.05 23.37
N GLY B 233 4.88 -21.28 23.58
CA GLY B 233 3.50 -21.55 23.99
C GLY B 233 2.59 -21.71 22.78
N ASP B 234 1.53 -20.90 22.75
CA ASP B 234 0.52 -20.82 21.66
C ASP B 234 1.21 -20.35 20.36
N THR B 235 2.25 -19.51 20.47
CA THR B 235 2.75 -18.60 19.41
C THR B 235 4.02 -19.16 18.73
N LEU B 236 4.13 -18.96 17.41
CA LEU B 236 5.33 -19.26 16.60
C LEU B 236 6.20 -18.01 16.57
N VAL B 237 7.36 -18.05 17.23
CA VAL B 237 8.21 -16.84 17.45
C VAL B 237 9.46 -16.90 16.56
N ASN B 238 9.81 -15.75 15.96
CA ASN B 238 10.99 -15.54 15.08
C ASN B 238 11.83 -14.41 15.68
N ARG B 239 13.02 -14.72 16.19
CA ARG B 239 13.95 -13.79 16.90
C ARG B 239 15.24 -13.66 16.10
N ILE B 240 15.65 -12.44 15.74
CA ILE B 240 16.68 -12.15 14.70
C ILE B 240 17.71 -11.12 15.21
N GLU B 241 19.00 -11.50 15.24
CA GLU B 241 20.12 -10.53 15.22
C GLU B 241 20.52 -10.32 13.76
N LEU B 242 20.52 -9.08 13.29
CA LEU B 242 20.97 -8.64 11.94
C LEU B 242 22.20 -7.76 12.13
N LYS B 243 23.25 -7.99 11.33
CA LYS B 243 24.47 -7.14 11.25
C LYS B 243 24.58 -6.72 9.79
N GLY B 244 24.67 -5.41 9.55
CA GLY B 244 24.78 -4.83 8.19
C GLY B 244 26.13 -4.17 8.02
N ILE B 245 26.96 -4.70 7.12
CA ILE B 245 28.42 -4.41 7.04
C ILE B 245 28.74 -3.70 5.73
N ASP B 246 29.57 -2.66 5.79
CA ASP B 246 30.22 -2.00 4.62
C ASP B 246 29.18 -1.47 3.62
N PHE B 247 28.05 -0.95 4.10
CA PHE B 247 27.02 -0.33 3.22
C PHE B 247 27.51 1.07 2.84
N LYS B 248 27.44 1.42 1.56
CA LYS B 248 27.57 2.82 1.09
C LYS B 248 26.46 3.63 1.75
N GLU B 249 26.80 4.77 2.36
CA GLU B 249 25.91 5.63 3.19
C GLU B 249 24.98 6.48 2.30
N ASP B 250 25.40 6.78 1.06
CA ASP B 250 24.56 7.43 0.02
C ASP B 250 24.27 6.41 -1.09
N GLY B 251 24.31 5.11 -0.77
CA GLY B 251 23.87 4.04 -1.67
C GLY B 251 22.39 3.73 -1.49
N ASN B 252 21.84 2.82 -2.29
CA ASN B 252 20.40 2.50 -2.37
C ASN B 252 19.82 2.08 -1.01
N ILE B 253 20.60 1.47 -0.11
CA ILE B 253 20.01 0.91 1.15
C ILE B 253 19.94 2.05 2.18
N LEU B 254 21.06 2.51 2.72
CA LEU B 254 21.09 3.63 3.71
C LEU B 254 20.51 4.91 3.09
N GLY B 255 20.68 5.11 1.78
CA GLY B 255 20.24 6.30 1.04
C GLY B 255 18.78 6.26 0.61
N HIS B 256 18.06 5.19 0.96
CA HIS B 256 16.58 5.04 0.86
C HIS B 256 16.08 5.24 -0.58
N LYS B 257 16.79 4.68 -1.57
CA LYS B 257 16.56 4.91 -3.03
C LYS B 257 15.65 3.83 -3.66
N LEU B 258 15.04 2.96 -2.87
CA LEU B 258 14.32 1.77 -3.41
C LEU B 258 12.82 2.00 -3.33
N GLU B 259 12.12 1.87 -4.47
CA GLU B 259 10.64 1.84 -4.57
C GLU B 259 10.08 0.95 -3.45
N TYR B 260 9.01 1.37 -2.78
CA TYR B 260 8.30 0.55 -1.77
C TYR B 260 7.69 -0.67 -2.48
N ASP B 261 6.95 -0.47 -3.59
CA ASP B 261 6.44 -1.55 -4.48
C ASP B 261 5.55 -2.50 -3.69
N VAL B 262 4.32 -2.77 -4.14
CA VAL B 262 3.38 -3.61 -3.33
C VAL B 262 3.97 -5.02 -3.34
N THR B 263 4.52 -5.41 -4.49
CA THR B 263 5.28 -6.66 -4.71
C THR B 263 6.77 -6.42 -4.47
N LEU B 264 7.49 -7.52 -4.53
CA LEU B 264 8.94 -7.65 -4.30
C LEU B 264 9.48 -8.59 -5.41
N MET B 265 8.60 -8.98 -6.34
CA MET B 265 8.89 -10.04 -7.32
C MET B 265 8.16 -9.77 -8.64
N ALA B 266 7.55 -8.57 -8.81
CA ALA B 266 6.72 -8.18 -9.97
C ALA B 266 7.07 -6.76 -10.39
N ASP B 267 7.02 -6.49 -11.70
CA ASP B 267 7.31 -5.16 -12.28
C ASP B 267 6.02 -4.49 -12.72
N SER B 268 6.14 -3.28 -13.28
CA SER B 268 5.00 -2.53 -13.86
C SER B 268 4.65 -3.12 -15.22
N LEU B 269 3.50 -2.73 -15.75
CA LEU B 269 3.06 -3.06 -17.13
C LEU B 269 2.42 -1.84 -17.74
N THR B 270 2.67 -1.63 -19.03
CA THR B 270 2.18 -0.47 -19.82
C THR B 270 0.68 -0.65 -20.05
N GLU B 271 -0.01 0.40 -20.49
CA GLU B 271 -1.45 0.35 -20.88
C GLU B 271 -1.64 -0.75 -21.92
N GLU B 272 -0.74 -0.81 -22.91
CA GLU B 272 -0.85 -1.72 -24.07
C GLU B 272 -0.65 -3.17 -23.59
N GLN B 273 0.15 -3.38 -22.54
CA GLN B 273 0.46 -4.72 -21.99
C GLN B 273 -0.76 -5.28 -21.22
N VAL B 274 -1.36 -4.47 -20.35
CA VAL B 274 -2.51 -4.91 -19.50
C VAL B 274 -3.69 -5.24 -20.42
N SER B 275 -3.84 -4.52 -21.53
CA SER B 275 -4.93 -4.80 -22.49
C SER B 275 -4.68 -6.18 -23.11
N GLU B 276 -3.52 -6.40 -23.72
CA GLU B 276 -3.19 -7.64 -24.45
C GLU B 276 -3.29 -8.82 -23.48
N TYR B 277 -2.87 -8.64 -22.24
CA TYR B 277 -2.88 -9.69 -21.19
C TYR B 277 -4.35 -10.06 -20.89
N LYS B 278 -5.22 -9.06 -20.76
CA LYS B 278 -6.68 -9.28 -20.56
C LYS B 278 -7.21 -10.09 -21.76
N GLU B 279 -6.78 -9.75 -22.97
CA GLU B 279 -7.21 -10.42 -24.23
C GLU B 279 -6.81 -11.90 -24.18
N ALA B 280 -5.55 -12.18 -23.86
CA ALA B 280 -5.03 -13.55 -23.69
C ALA B 280 -5.80 -14.28 -22.57
N PHE B 281 -6.07 -13.59 -21.46
CA PHE B 281 -6.82 -14.18 -20.31
C PHE B 281 -8.15 -14.75 -20.80
N SER B 282 -8.80 -14.01 -21.69
CA SER B 282 -10.19 -14.28 -22.15
C SER B 282 -10.20 -15.45 -23.13
N LEU B 283 -9.05 -15.80 -23.71
CA LEU B 283 -8.89 -16.98 -24.61
C LEU B 283 -8.88 -18.27 -23.78
N PHE B 284 -8.34 -18.21 -22.56
CA PHE B 284 -8.41 -19.31 -21.55
C PHE B 284 -9.82 -19.35 -20.97
N ASP B 285 -10.32 -18.18 -20.53
CA ASP B 285 -11.62 -18.01 -19.82
C ASP B 285 -12.74 -17.88 -20.85
N LYS B 286 -13.03 -18.94 -21.59
CA LYS B 286 -13.94 -18.90 -22.77
C LYS B 286 -15.39 -18.63 -22.32
N ASP B 287 -15.77 -19.04 -21.10
CA ASP B 287 -17.14 -18.82 -20.52
C ASP B 287 -17.31 -17.37 -20.04
N GLY B 288 -16.23 -16.65 -19.72
CA GLY B 288 -16.28 -15.22 -19.34
C GLY B 288 -16.69 -14.99 -17.90
N ASP B 289 -16.60 -16.00 -17.02
CA ASP B 289 -16.90 -15.89 -15.57
C ASP B 289 -15.78 -15.13 -14.84
N GLY B 290 -14.77 -14.65 -15.58
CA GLY B 290 -13.59 -13.94 -15.04
C GLY B 290 -12.64 -14.88 -14.31
N GLN B 291 -12.76 -16.19 -14.55
CA GLN B 291 -11.97 -17.27 -13.89
C GLN B 291 -11.53 -18.32 -14.90
N ILE B 292 -10.23 -18.65 -14.92
CA ILE B 292 -9.68 -19.83 -15.65
C ILE B 292 -9.72 -21.02 -14.70
N THR B 293 -10.44 -22.07 -15.07
CA THR B 293 -10.57 -23.37 -14.35
C THR B 293 -9.49 -24.32 -14.87
N THR B 294 -9.31 -25.45 -14.18
CA THR B 294 -8.41 -26.56 -14.62
C THR B 294 -8.79 -27.00 -16.04
N LYS B 295 -10.08 -27.18 -16.33
CA LYS B 295 -10.56 -27.62 -17.67
C LYS B 295 -10.25 -26.52 -18.70
N GLU B 296 -10.57 -25.27 -18.39
CA GLU B 296 -10.37 -24.11 -19.31
C GLU B 296 -8.91 -24.07 -19.76
N LEU B 297 -7.97 -24.20 -18.80
CA LEU B 297 -6.50 -24.17 -19.03
C LEU B 297 -6.12 -25.37 -19.89
N GLY B 298 -6.58 -26.56 -19.49
CA GLY B 298 -6.34 -27.86 -20.16
C GLY B 298 -6.73 -27.85 -21.63
N THR B 299 -7.90 -27.30 -21.98
CA THR B 299 -8.37 -27.28 -23.39
C THR B 299 -7.35 -26.48 -24.21
N VAL B 300 -7.03 -25.26 -23.78
CA VAL B 300 -6.09 -24.35 -24.50
C VAL B 300 -4.77 -25.10 -24.70
N MET B 301 -4.18 -25.62 -23.64
CA MET B 301 -2.89 -26.36 -23.75
C MET B 301 -3.03 -27.44 -24.81
N ARG B 302 -4.02 -28.33 -24.67
CA ARG B 302 -4.38 -29.37 -25.68
C ARG B 302 -4.38 -28.73 -27.08
N SER B 303 -5.09 -27.61 -27.25
CA SER B 303 -5.21 -26.82 -28.52
C SER B 303 -3.84 -26.67 -29.18
N LEU B 304 -2.81 -26.38 -28.40
CA LEU B 304 -1.40 -26.15 -28.87
C LEU B 304 -0.60 -27.45 -28.77
N ASP B 305 -1.23 -28.60 -29.00
CA ASP B 305 -0.58 -29.92 -29.16
C ASP B 305 0.31 -30.24 -27.95
N GLN B 306 -0.14 -29.92 -26.73
CA GLN B 306 0.51 -30.35 -25.46
C GLN B 306 -0.54 -30.90 -24.50
N ASN B 307 -0.38 -32.15 -24.07
CA ASN B 307 -1.41 -32.93 -23.32
C ASN B 307 -0.96 -33.04 -21.86
N PRO B 308 -1.23 -32.03 -21.00
CA PRO B 308 -0.90 -32.12 -19.57
C PRO B 308 -1.82 -33.14 -18.88
N SER B 309 -1.43 -33.57 -17.69
CA SER B 309 -2.22 -34.42 -16.76
C SER B 309 -3.12 -33.50 -15.93
N GLU B 310 -4.22 -34.03 -15.39
CA GLU B 310 -5.10 -33.28 -14.45
C GLU B 310 -4.22 -32.80 -13.29
N SER B 311 -3.34 -33.68 -12.79
CA SER B 311 -2.49 -33.43 -11.60
C SER B 311 -1.58 -32.20 -11.84
N GLU B 312 -1.02 -32.08 -13.04
CA GLU B 312 -0.13 -30.95 -13.45
C GLU B 312 -0.98 -29.67 -13.51
N LEU B 313 -2.14 -29.75 -14.14
CA LEU B 313 -3.11 -28.62 -14.27
C LEU B 313 -3.40 -28.02 -12.88
N GLN B 314 -3.71 -28.85 -11.87
CA GLN B 314 -4.05 -28.36 -10.51
C GLN B 314 -2.80 -27.73 -9.89
N ASP B 315 -1.65 -28.39 -10.00
CA ASP B 315 -0.33 -27.87 -9.53
C ASP B 315 -0.10 -26.50 -10.18
N MET B 316 -0.29 -26.40 -11.50
CA MET B 316 -0.08 -25.17 -12.30
C MET B 316 -0.94 -24.03 -11.72
N ILE B 317 -2.24 -24.27 -11.53
CA ILE B 317 -3.18 -23.26 -10.95
C ILE B 317 -2.74 -22.95 -9.51
N ASN B 318 -2.51 -23.97 -8.67
CA ASN B 318 -2.17 -23.80 -7.23
C ASN B 318 -1.05 -22.77 -7.06
N GLU B 319 -0.10 -22.72 -8.01
CA GLU B 319 1.07 -21.82 -7.96
C GLU B 319 0.61 -20.36 -7.86
N VAL B 320 -0.41 -19.92 -8.63
CA VAL B 320 -0.86 -18.50 -8.67
C VAL B 320 -2.21 -18.31 -7.96
N ASP B 321 -2.87 -19.40 -7.53
CA ASP B 321 -4.20 -19.33 -6.87
C ASP B 321 -4.03 -18.92 -5.39
N ALA B 322 -3.74 -17.62 -5.18
CA ALA B 322 -3.48 -17.02 -3.85
C ALA B 322 -4.70 -17.20 -2.93
N ASP B 323 -5.89 -16.83 -3.42
CA ASP B 323 -7.14 -16.78 -2.60
C ASP B 323 -7.79 -18.17 -2.46
N ASN B 324 -7.12 -19.23 -2.93
CA ASN B 324 -7.56 -20.65 -2.76
C ASN B 324 -9.03 -20.81 -3.18
N ASN B 325 -9.42 -20.30 -4.36
CA ASN B 325 -10.69 -20.58 -5.07
C ASN B 325 -10.61 -21.95 -5.75
N GLY B 326 -9.44 -22.25 -6.34
CA GLY B 326 -9.22 -23.34 -7.31
C GLY B 326 -9.24 -22.86 -8.75
N THR B 327 -9.22 -21.55 -8.98
CA THR B 327 -9.27 -20.88 -10.32
C THR B 327 -8.31 -19.69 -10.33
N ILE B 328 -7.75 -19.38 -11.51
CA ILE B 328 -6.95 -18.14 -11.78
C ILE B 328 -7.91 -17.03 -12.24
N ASP B 329 -8.02 -15.95 -11.46
CA ASP B 329 -8.66 -14.67 -11.91
C ASP B 329 -7.59 -13.78 -12.53
N PHE B 330 -8.00 -12.71 -13.22
CA PHE B 330 -7.12 -11.86 -14.06
C PHE B 330 -6.03 -11.23 -13.18
N PRO B 331 -6.35 -10.75 -11.95
CA PRO B 331 -5.33 -10.30 -11.00
C PRO B 331 -4.19 -11.32 -10.79
N GLU B 332 -4.55 -12.59 -10.53
CA GLU B 332 -3.61 -13.72 -10.34
C GLU B 332 -2.79 -13.91 -11.63
N PHE B 333 -3.42 -13.73 -12.79
CA PHE B 333 -2.82 -13.89 -14.14
C PHE B 333 -1.82 -12.74 -14.38
N LEU B 334 -2.18 -11.52 -14.01
CA LEU B 334 -1.30 -10.33 -14.16
C LEU B 334 -0.03 -10.54 -13.33
N THR B 335 -0.17 -11.00 -12.07
CA THR B 335 0.95 -11.17 -11.10
C THR B 335 1.99 -12.13 -11.70
N MET B 336 1.51 -13.20 -12.32
CA MET B 336 2.33 -14.23 -12.96
C MET B 336 3.02 -13.66 -14.21
N MET B 337 2.26 -12.92 -15.04
CA MET B 337 2.76 -12.30 -16.28
C MET B 337 3.74 -11.14 -15.97
N ALA B 338 3.73 -10.56 -14.77
CA ALA B 338 4.45 -9.29 -14.47
C ALA B 338 5.75 -9.56 -13.70
N ARG B 339 6.19 -10.81 -13.56
CA ARG B 339 7.58 -11.11 -13.10
C ARG B 339 8.55 -10.56 -14.15
N SER B 346 15.31 -10.25 -17.30
CA SER B 346 16.37 -9.37 -17.87
C SER B 346 16.71 -9.75 -19.32
N GLU B 347 17.13 -11.01 -19.54
CA GLU B 347 17.61 -11.58 -20.84
C GLU B 347 16.62 -12.62 -21.41
N GLU B 348 15.33 -12.57 -21.02
CA GLU B 348 14.22 -13.43 -21.54
C GLU B 348 13.13 -12.55 -22.17
N GLU B 349 13.05 -12.42 -23.52
CA GLU B 349 13.61 -13.26 -24.58
C GLU B 349 13.30 -14.74 -24.36
N ILE B 350 12.00 -15.05 -24.27
CA ILE B 350 11.47 -16.41 -24.57
C ILE B 350 11.14 -16.43 -26.08
N ARG B 351 11.98 -17.19 -26.77
CA ARG B 351 11.81 -17.73 -28.14
C ARG B 351 11.45 -19.21 -27.95
N GLU B 352 11.19 -19.64 -26.71
CA GLU B 352 10.57 -20.96 -26.39
C GLU B 352 9.14 -20.98 -26.96
N ALA B 353 8.61 -19.81 -27.37
CA ALA B 353 7.32 -19.66 -28.08
C ALA B 353 7.42 -20.12 -29.55
N CYS B 354 8.49 -19.73 -30.25
CA CYS B 354 8.80 -20.18 -31.64
C CYS B 354 8.43 -21.65 -31.82
N LYS B 355 8.89 -22.54 -30.93
CA LYS B 355 8.53 -23.99 -30.94
C LYS B 355 7.05 -24.13 -31.33
N VAL B 356 6.16 -23.51 -30.57
CA VAL B 356 4.68 -23.68 -30.67
C VAL B 356 4.23 -23.23 -32.06
N PHE B 357 4.70 -22.08 -32.52
CA PHE B 357 4.24 -21.48 -33.79
C PHE B 357 4.83 -22.25 -35.00
N ASP B 358 6.12 -22.59 -34.99
CA ASP B 358 6.74 -23.35 -36.11
C ASP B 358 6.43 -24.84 -35.94
N ARG B 359 5.17 -25.21 -36.16
CA ARG B 359 4.65 -26.59 -35.92
C ARG B 359 5.39 -27.63 -36.79
N ASP B 360 5.66 -27.34 -38.08
CA ASP B 360 6.37 -28.28 -39.00
C ASP B 360 7.80 -28.50 -38.50
N ASN B 361 8.39 -27.48 -37.85
CA ASN B 361 9.75 -27.51 -37.24
C ASN B 361 10.83 -27.13 -38.27
N ASN B 362 10.42 -26.66 -39.45
CA ASN B 362 11.27 -26.34 -40.61
C ASN B 362 12.17 -25.14 -40.33
N GLY B 363 11.95 -24.39 -39.25
CA GLY B 363 12.76 -23.21 -38.89
C GLY B 363 12.07 -21.89 -39.22
N PHE B 364 10.86 -21.96 -39.79
CA PHE B 364 10.03 -20.79 -40.17
C PHE B 364 8.58 -21.01 -39.71
N ILE B 365 7.92 -19.93 -39.32
CA ILE B 365 6.46 -19.85 -39.07
C ILE B 365 5.78 -19.42 -40.38
N SER B 366 4.94 -20.29 -40.96
CA SER B 366 4.16 -20.01 -42.19
C SER B 366 2.80 -19.37 -41.83
N ALA B 367 2.20 -18.68 -42.79
CA ALA B 367 0.83 -18.13 -42.70
C ALA B 367 -0.12 -19.26 -42.29
N ALA B 368 0.04 -20.45 -42.90
CA ALA B 368 -0.70 -21.69 -42.59
C ALA B 368 -0.60 -21.99 -41.08
N GLU B 369 0.63 -22.14 -40.58
CA GLU B 369 0.93 -22.40 -39.16
C GLU B 369 0.31 -21.28 -38.30
N LEU B 370 0.57 -20.01 -38.67
CA LEU B 370 0.07 -18.83 -37.91
C LEU B 370 -1.45 -18.95 -37.78
N ARG B 371 -2.13 -19.35 -38.86
CA ARG B 371 -3.60 -19.57 -38.85
C ARG B 371 -3.86 -20.68 -37.82
N HIS B 372 -3.34 -21.88 -38.10
CA HIS B 372 -3.61 -23.09 -37.27
C HIS B 372 -3.62 -22.74 -35.78
N VAL B 373 -2.64 -21.96 -35.32
CA VAL B 373 -2.46 -21.59 -33.88
C VAL B 373 -3.65 -20.69 -33.51
N MET B 374 -3.69 -19.47 -34.06
CA MET B 374 -4.76 -18.48 -33.81
C MET B 374 -6.11 -19.21 -33.69
N THR B 375 -6.41 -20.07 -34.65
CA THR B 375 -7.63 -20.92 -34.68
C THR B 375 -7.68 -21.74 -33.39
N SER B 376 -6.70 -22.60 -33.15
CA SER B 376 -6.59 -23.49 -31.97
C SER B 376 -6.93 -22.69 -30.70
N ILE B 377 -6.36 -21.50 -30.52
CA ILE B 377 -6.45 -20.71 -29.25
C ILE B 377 -7.87 -20.16 -29.06
N GLY B 378 -8.56 -19.85 -30.15
CA GLY B 378 -9.93 -19.30 -30.14
C GLY B 378 -10.02 -17.88 -30.70
N GLU B 379 -9.04 -17.44 -31.51
CA GLU B 379 -9.04 -16.09 -32.15
C GLU B 379 -9.63 -16.18 -33.55
N LYS B 380 -10.83 -15.62 -33.76
CA LYS B 380 -11.55 -15.57 -35.06
C LYS B 380 -10.87 -14.49 -35.91
N LEU B 381 -10.65 -14.79 -37.20
CA LEU B 381 -9.86 -13.99 -38.17
C LEU B 381 -10.26 -14.33 -39.61
N THR B 382 -10.36 -13.33 -40.50
CA THR B 382 -10.49 -13.53 -41.97
C THR B 382 -9.13 -14.00 -42.52
N ASP B 383 -9.11 -14.54 -43.74
CA ASP B 383 -7.86 -14.97 -44.44
C ASP B 383 -7.04 -13.74 -44.84
N ASP B 384 -7.68 -12.55 -44.90
CA ASP B 384 -7.03 -11.26 -45.23
C ASP B 384 -6.30 -10.71 -43.98
N GLU B 385 -6.44 -11.34 -42.82
CA GLU B 385 -5.84 -10.90 -41.53
C GLU B 385 -4.63 -11.78 -41.17
N VAL B 386 -4.71 -13.09 -41.41
CA VAL B 386 -3.51 -13.98 -41.33
C VAL B 386 -2.41 -13.35 -42.19
N ASP B 387 -2.73 -13.02 -43.45
CA ASP B 387 -1.75 -12.53 -44.46
C ASP B 387 -1.17 -11.18 -44.00
N GLU B 388 -1.99 -10.33 -43.35
CA GLU B 388 -1.57 -9.00 -42.85
C GLU B 388 -0.50 -9.18 -41.76
N MET B 389 -0.75 -10.06 -40.80
CA MET B 389 0.20 -10.40 -39.70
C MET B 389 1.52 -10.91 -40.29
N ILE B 390 1.47 -11.80 -41.29
CA ILE B 390 2.70 -12.38 -41.93
C ILE B 390 3.54 -11.22 -42.51
N ARG B 391 2.93 -10.33 -43.29
CA ARG B 391 3.61 -9.14 -43.89
C ARG B 391 4.06 -8.20 -42.77
N GLU B 392 3.25 -8.06 -41.72
CA GLU B 392 3.50 -7.10 -40.60
C GLU B 392 4.76 -7.54 -39.83
N ALA B 393 5.07 -8.85 -39.84
CA ALA B 393 6.16 -9.46 -39.06
C ALA B 393 7.41 -9.68 -39.93
N ASP B 394 7.25 -9.70 -41.27
CA ASP B 394 8.23 -10.29 -42.22
C ASP B 394 9.20 -9.24 -42.77
N GLN B 395 10.26 -8.93 -42.02
CA GLN B 395 11.26 -7.90 -42.38
C GLN B 395 11.92 -8.24 -43.72
N ASP B 396 12.21 -9.52 -44.02
CA ASP B 396 13.12 -9.93 -45.12
C ASP B 396 12.38 -10.08 -46.46
N GLY B 397 11.04 -10.01 -46.50
CA GLY B 397 10.28 -10.25 -47.74
C GLY B 397 10.52 -11.64 -48.29
N ASP B 398 9.54 -12.53 -48.11
CA ASP B 398 9.59 -14.01 -48.34
C ASP B 398 8.21 -14.59 -48.05
N GLY B 399 7.46 -13.92 -47.15
CA GLY B 399 6.07 -14.29 -46.79
C GLY B 399 6.04 -15.04 -45.48
N ARG B 400 7.19 -15.58 -45.05
CA ARG B 400 7.30 -16.37 -43.79
C ARG B 400 8.10 -15.63 -42.72
N ILE B 401 7.67 -15.82 -41.46
CA ILE B 401 8.31 -15.24 -40.23
C ILE B 401 9.41 -16.19 -39.76
N ASP B 402 10.66 -15.71 -39.66
CA ASP B 402 11.80 -16.47 -39.07
C ASP B 402 11.87 -16.13 -37.58
N TYR B 403 12.58 -16.97 -36.81
CA TYR B 403 12.61 -16.93 -35.33
C TYR B 403 13.10 -15.55 -34.87
N ASN B 404 14.01 -14.94 -35.65
CA ASN B 404 14.56 -13.59 -35.36
C ASN B 404 13.49 -12.55 -35.70
N GLU B 405 12.87 -12.64 -36.88
CA GLU B 405 11.71 -11.81 -37.31
C GLU B 405 10.68 -11.81 -36.17
N PHE B 406 10.37 -12.99 -35.62
CA PHE B 406 9.36 -13.23 -34.56
C PHE B 406 9.74 -12.48 -33.29
N VAL B 407 10.92 -12.74 -32.70
CA VAL B 407 11.35 -12.11 -31.42
C VAL B 407 11.56 -10.61 -31.67
N GLN B 408 11.82 -10.21 -32.93
CA GLN B 408 12.01 -8.79 -33.31
C GLN B 408 10.76 -7.97 -32.94
N LEU B 409 9.55 -8.46 -33.28
CA LEU B 409 8.27 -7.91 -32.77
C LEU B 409 8.20 -8.13 -31.24
N MET B 410 9.11 -7.46 -30.50
CA MET B 410 9.41 -7.71 -29.06
C MET B 410 8.09 -7.66 -28.28
N PHE C 281 -26.67 -26.79 2.14
CA PHE C 281 -25.77 -26.30 1.05
C PHE C 281 -25.31 -24.88 1.36
N SER C 282 -26.24 -24.05 1.84
CA SER C 282 -26.02 -22.60 2.09
C SER C 282 -25.20 -22.40 3.36
N LEU C 283 -25.07 -23.43 4.21
CA LEU C 283 -24.21 -23.43 5.42
C LEU C 283 -22.73 -23.54 5.00
N PHE C 284 -22.46 -24.28 3.92
CA PHE C 284 -21.12 -24.36 3.27
C PHE C 284 -20.89 -23.10 2.44
N ASP C 285 -21.87 -22.74 1.61
CA ASP C 285 -21.81 -21.63 0.62
C ASP C 285 -22.21 -20.32 1.31
N LYS C 286 -21.38 -19.84 2.23
CA LYS C 286 -21.71 -18.71 3.13
C LYS C 286 -21.80 -17.40 2.34
N ASP C 287 -21.07 -17.27 1.21
CA ASP C 287 -21.08 -16.07 0.32
C ASP C 287 -22.34 -16.06 -0.57
N GLY C 288 -22.97 -17.20 -0.85
CA GLY C 288 -24.22 -17.29 -1.64
C GLY C 288 -24.00 -17.19 -3.14
N ASP C 289 -22.79 -17.44 -3.65
CA ASP C 289 -22.47 -17.44 -5.11
C ASP C 289 -23.03 -18.72 -5.76
N GLY C 290 -23.73 -19.57 -4.99
CA GLY C 290 -24.28 -20.85 -5.45
C GLY C 290 -23.21 -21.91 -5.66
N GLN C 291 -22.01 -21.70 -5.08
CA GLN C 291 -20.83 -22.59 -5.23
C GLN C 291 -20.12 -22.77 -3.87
N ILE C 292 -19.86 -24.02 -3.48
CA ILE C 292 -18.95 -24.35 -2.35
C ILE C 292 -17.53 -24.49 -2.94
N THR C 293 -16.60 -23.65 -2.45
CA THR C 293 -15.17 -23.67 -2.83
C THR C 293 -14.40 -24.50 -1.81
N THR C 294 -13.12 -24.75 -2.08
CA THR C 294 -12.20 -25.50 -1.18
C THR C 294 -12.15 -24.81 0.18
N LYS C 295 -12.05 -23.47 0.20
CA LYS C 295 -11.98 -22.69 1.47
C LYS C 295 -13.34 -22.79 2.18
N GLU C 296 -14.45 -22.62 1.48
CA GLU C 296 -15.82 -22.65 2.06
C GLU C 296 -16.02 -23.97 2.80
N LEU C 297 -15.65 -25.09 2.15
CA LEU C 297 -15.79 -26.47 2.71
C LEU C 297 -14.88 -26.59 3.93
N GLY C 298 -13.61 -26.18 3.77
CA GLY C 298 -12.57 -26.19 4.81
C GLY C 298 -12.97 -25.44 6.07
N THR C 299 -13.60 -24.26 5.98
CA THR C 299 -14.02 -23.47 7.17
C THR C 299 -15.01 -24.33 7.97
N VAL C 300 -16.06 -24.84 7.32
CA VAL C 300 -17.13 -25.64 7.98
C VAL C 300 -16.45 -26.83 8.70
N MET C 301 -15.65 -27.61 7.97
CA MET C 301 -14.96 -28.78 8.56
C MET C 301 -14.20 -28.32 9.81
N ARG C 302 -13.32 -27.32 9.67
CA ARG C 302 -12.59 -26.66 10.81
C ARG C 302 -13.57 -26.39 11.95
N SER C 303 -14.71 -25.74 11.65
CA SER C 303 -15.80 -25.40 12.61
C SER C 303 -16.14 -26.60 13.49
N LEU C 304 -16.16 -27.83 12.94
CA LEU C 304 -16.45 -29.09 13.67
C LEU C 304 -15.14 -29.76 14.13
N ASP C 305 -14.12 -28.99 14.48
CA ASP C 305 -12.86 -29.46 15.12
C ASP C 305 -12.20 -30.56 14.27
N GLN C 306 -12.23 -30.45 12.94
CA GLN C 306 -11.46 -31.34 12.02
C GLN C 306 -10.74 -30.47 10.99
N ASN C 307 -9.41 -30.55 10.96
CA ASN C 307 -8.51 -29.69 10.14
C ASN C 307 -7.99 -30.49 8.96
N PRO C 308 -8.74 -30.60 7.84
CA PRO C 308 -8.23 -31.29 6.65
C PRO C 308 -7.11 -30.47 6.00
N SER C 309 -6.35 -31.12 5.12
CA SER C 309 -5.33 -30.49 4.24
C SER C 309 -6.03 -29.89 3.02
N GLU C 310 -5.42 -28.89 2.40
CA GLU C 310 -5.89 -28.32 1.11
C GLU C 310 -6.05 -29.48 0.11
N SER C 311 -5.07 -30.38 0.07
CA SER C 311 -4.99 -31.48 -0.92
C SER C 311 -6.20 -32.40 -0.78
N GLU C 312 -6.63 -32.69 0.46
CA GLU C 312 -7.81 -33.55 0.76
C GLU C 312 -9.08 -32.82 0.31
N LEU C 313 -9.19 -31.53 0.66
CA LEU C 313 -10.32 -30.65 0.25
C LEU C 313 -10.52 -30.72 -1.28
N GLN C 314 -9.45 -30.59 -2.09
CA GLN C 314 -9.59 -30.62 -3.57
C GLN C 314 -10.00 -32.03 -4.01
N ASP C 315 -9.38 -33.08 -3.44
CA ASP C 315 -9.76 -34.50 -3.69
C ASP C 315 -11.27 -34.66 -3.41
N MET C 316 -11.72 -34.17 -2.25
CA MET C 316 -13.14 -34.25 -1.80
C MET C 316 -14.06 -33.60 -2.84
N ILE C 317 -13.75 -32.36 -3.27
CA ILE C 317 -14.53 -31.63 -4.30
C ILE C 317 -14.47 -32.40 -5.63
N ASN C 318 -13.26 -32.78 -6.09
CA ASN C 318 -13.03 -33.47 -7.39
C ASN C 318 -13.99 -34.65 -7.56
N GLU C 319 -14.31 -35.33 -6.45
CA GLU C 319 -15.29 -36.45 -6.37
C GLU C 319 -16.60 -36.11 -7.09
N VAL C 320 -17.19 -34.96 -6.76
CA VAL C 320 -18.56 -34.57 -7.22
C VAL C 320 -18.48 -33.43 -8.25
N ASP C 321 -17.29 -32.88 -8.51
CA ASP C 321 -17.11 -31.73 -9.45
C ASP C 321 -17.13 -32.24 -10.90
N ALA C 322 -18.31 -32.60 -11.40
CA ALA C 322 -18.56 -33.16 -12.74
C ALA C 322 -18.08 -32.16 -13.81
N ASP C 323 -18.52 -30.91 -13.72
CA ASP C 323 -18.30 -29.88 -14.78
C ASP C 323 -16.89 -29.26 -14.69
N ASN C 324 -16.03 -29.78 -13.80
CA ASN C 324 -14.59 -29.41 -13.68
C ASN C 324 -14.45 -27.89 -13.61
N ASN C 325 -15.21 -27.23 -12.72
CA ASN C 325 -15.05 -25.78 -12.43
C ASN C 325 -14.56 -25.60 -10.98
N GLY C 326 -13.99 -26.65 -10.38
CA GLY C 326 -13.23 -26.60 -9.11
C GLY C 326 -14.09 -26.27 -7.88
N THR C 327 -15.42 -26.24 -8.05
CA THR C 327 -16.41 -25.90 -6.99
C THR C 327 -17.61 -26.85 -7.08
N ILE C 328 -18.26 -27.13 -5.94
CA ILE C 328 -19.52 -27.93 -5.89
C ILE C 328 -20.72 -26.96 -5.91
N ASP C 329 -21.53 -27.01 -6.98
CA ASP C 329 -22.85 -26.31 -7.07
C ASP C 329 -23.93 -27.22 -6.51
N PHE C 330 -25.13 -26.69 -6.28
CA PHE C 330 -26.25 -27.36 -5.56
C PHE C 330 -26.63 -28.64 -6.28
N PRO C 331 -26.73 -28.66 -7.64
CA PRO C 331 -26.91 -29.91 -8.38
C PRO C 331 -25.91 -31.02 -8.00
N GLU C 332 -24.62 -30.68 -7.96
CA GLU C 332 -23.50 -31.60 -7.58
C GLU C 332 -23.71 -32.06 -6.12
N PHE C 333 -24.23 -31.19 -5.27
CA PHE C 333 -24.50 -31.44 -3.83
C PHE C 333 -25.70 -32.38 -3.68
N LEU C 334 -26.75 -32.17 -4.48
CA LEU C 334 -27.94 -33.07 -4.58
C LEU C 334 -27.47 -34.50 -4.87
N THR C 335 -26.63 -34.66 -5.89
CA THR C 335 -26.24 -35.97 -6.50
C THR C 335 -25.66 -36.90 -5.42
N MET C 336 -24.94 -36.35 -4.43
CA MET C 336 -24.40 -37.10 -3.25
C MET C 336 -25.00 -36.52 -1.96
CA CA D . -14.60 9.73 13.97
CA CA E . 2.58 31.08 38.12
CA CA F . -15.66 8.02 25.27
CA CA G . 13.63 27.50 37.22
CA CA H . -14.33 -19.56 -16.78
CA CA I . -8.05 -17.61 -7.44
CA CA J . 6.96 -24.10 -40.23
CA CA K . 10.99 -13.70 -43.54
CA CA L . -19.43 -19.65 -2.40
CA CA M . -18.83 -27.95 -10.24
#